data_6LBS
#
_entry.id   6LBS
#
_cell.length_a   158.425
_cell.length_b   94.749
_cell.length_c   97.498
_cell.angle_alpha   90.000
_cell.angle_beta   96.260
_cell.angle_gamma   90.000
#
_symmetry.space_group_name_H-M   'C 1 2 1'
#
loop_
_entity.id
_entity.type
_entity.pdbx_description
1 polymer KLLA0C11825p
2 water water
#
_entity_poly.entity_id   1
_entity_poly.type   'polypeptide(L)'
_entity_poly.pdbx_seq_one_letter_code
;RSSKLSPKQ(MSE)KREILGVLIEKS(MSE)ESKVCKIYEPLLSINLGPGGEATDLKTEPVLHLKFYETFLAQLAE
(MSE)AIITLDSFTIN(MSE)TNLHNCYRYIITRFQSLINVQIPQITIKYSEIRNFCKLPLLSKKLILQ(MSE)CKHFLN
TTHIGNLIDWWVDPTSEERYKVFFTYSKSK
;
_entity_poly.pdbx_strand_id   A,B,C,D,E,F
#
# COMPACT_ATOMS: atom_id res chain seq x y z
N LEU A 5 14.61 24.02 -32.15
CA LEU A 5 15.80 23.27 -32.54
C LEU A 5 16.44 23.83 -33.82
N SER A 6 17.56 24.52 -33.66
CA SER A 6 18.26 25.01 -34.83
C SER A 6 19.05 23.88 -35.49
N PRO A 7 19.47 24.06 -36.74
CA PRO A 7 20.25 23.00 -37.38
C PRO A 7 21.54 22.64 -36.64
N LYS A 8 22.24 23.61 -36.09
CA LYS A 8 23.37 23.26 -35.24
C LYS A 8 22.91 22.42 -34.04
N GLN A 9 21.85 22.85 -33.37
CA GLN A 9 21.39 22.11 -32.20
C GLN A 9 21.00 20.68 -32.53
N MSE A 10 20.39 20.48 -33.70
CA MSE A 10 20.00 19.14 -34.14
C MSE A 10 21.21 18.27 -34.44
O MSE A 10 21.27 17.11 -34.06
CB MSE A 10 19.10 19.22 -35.37
CG MSE A 10 18.67 17.89 -35.87
SE MSE A 10 17.69 16.88 -34.53
CE MSE A 10 15.95 17.73 -34.80
N LYS A 11 22.18 18.84 -35.16
CA LYS A 11 23.43 18.13 -35.40
C LYS A 11 24.06 17.63 -34.09
N ARG A 12 24.10 18.49 -33.08
CA ARG A 12 24.65 18.08 -31.79
C ARG A 12 23.81 16.95 -31.18
N GLU A 13 22.49 16.99 -31.37
CA GLU A 13 21.61 15.91 -30.93
C GLU A 13 21.99 14.57 -31.56
N ILE A 14 22.06 14.53 -32.89
CA ILE A 14 22.45 13.33 -33.63
C ILE A 14 23.82 12.84 -33.15
N LEU A 15 24.80 13.74 -33.14
CA LEU A 15 26.14 13.42 -32.65
C LEU A 15 26.09 12.78 -31.27
N GLY A 16 25.34 13.37 -30.35
CA GLY A 16 25.21 12.78 -29.02
C GLY A 16 24.70 11.36 -29.06
N VAL A 17 23.66 11.11 -29.86
CA VAL A 17 23.11 9.76 -29.94
C VAL A 17 24.15 8.81 -30.50
N LEU A 18 24.85 9.22 -31.57
CA LEU A 18 25.92 8.39 -32.13
C LEU A 18 26.98 8.07 -31.09
N ILE A 19 27.43 9.09 -30.36
CA ILE A 19 28.44 8.86 -29.33
C ILE A 19 27.97 7.79 -28.37
N GLU A 20 26.70 7.85 -27.97
CA GLU A 20 26.24 6.89 -26.98
C GLU A 20 26.00 5.52 -27.61
N LYS A 21 25.45 5.47 -28.83
CA LYS A 21 25.32 4.18 -29.52
C LYS A 21 26.67 3.50 -29.68
N SER A 22 27.72 4.28 -29.93
CA SER A 22 29.04 3.72 -30.17
C SER A 22 29.69 3.19 -28.90
N MSE A 23 29.31 3.67 -27.73
CA MSE A 23 29.85 3.12 -26.50
C MSE A 23 29.20 1.77 -26.21
O MSE A 23 29.75 0.94 -25.49
CB MSE A 23 29.65 4.09 -25.32
CG MSE A 23 30.57 5.30 -25.28
SE MSE A 23 32.46 4.91 -25.62
CE MSE A 23 32.49 5.28 -27.52
N GLU A 24 28.01 1.54 -26.79
CA GLU A 24 27.32 0.26 -26.60
C GLU A 24 27.84 -0.81 -27.55
N SER A 25 28.07 -0.45 -28.81
CA SER A 25 28.50 -1.38 -29.85
C SER A 25 29.02 -0.58 -31.03
N LYS A 26 30.05 -1.09 -31.71
CA LYS A 26 30.70 -0.29 -32.74
C LYS A 26 29.93 -0.21 -34.04
N VAL A 27 28.87 -0.98 -34.20
CA VAL A 27 28.02 -0.87 -35.38
C VAL A 27 26.58 -0.77 -34.89
N CYS A 28 25.77 -0.02 -35.61
CA CYS A 28 24.33 -0.02 -35.40
C CYS A 28 23.68 0.14 -36.76
N LYS A 29 22.36 -0.02 -36.79
CA LYS A 29 21.61 0.16 -38.03
C LYS A 29 21.43 1.65 -38.33
N ILE A 30 21.51 2.02 -39.62
CA ILE A 30 21.52 3.45 -39.97
C ILE A 30 20.27 4.13 -39.48
N TYR A 31 19.15 3.42 -39.46
CA TYR A 31 17.91 4.09 -39.09
C TYR A 31 17.74 4.26 -37.58
N GLU A 32 18.51 3.55 -36.75
CA GLU A 32 18.27 3.60 -35.30
C GLU A 32 18.39 5.01 -34.73
N PRO A 33 19.45 5.80 -34.98
CA PRO A 33 19.46 7.18 -34.47
C PRO A 33 18.24 7.98 -34.91
N LEU A 34 17.86 7.85 -36.18
CA LEU A 34 16.65 8.51 -36.68
C LEU A 34 15.43 8.04 -35.91
N LEU A 35 15.36 6.75 -35.60
CA LEU A 35 14.21 6.23 -34.86
C LEU A 35 14.12 6.86 -33.47
N SER A 36 15.21 6.82 -32.73
CA SER A 36 15.12 7.23 -31.32
C SER A 36 14.92 8.74 -31.20
N ILE A 37 15.52 9.52 -32.10
CA ILE A 37 15.35 10.97 -32.04
C ILE A 37 13.90 11.35 -32.32
N ASN A 38 13.25 10.64 -33.22
CA ASN A 38 11.85 10.92 -33.50
C ASN A 38 10.91 10.33 -32.45
N LEU A 39 11.44 9.96 -31.28
CA LEU A 39 10.63 9.57 -30.12
C LEU A 39 10.94 10.35 -28.85
N GLY A 40 12.11 11.00 -28.74
CA GLY A 40 12.48 11.70 -27.52
C GLY A 40 11.97 13.12 -27.43
N PRO A 52 7.26 15.23 -38.01
CA PRO A 52 8.49 14.56 -37.56
C PRO A 52 9.58 15.54 -37.14
N VAL A 53 10.18 15.26 -35.99
CA VAL A 53 11.22 16.13 -35.46
C VAL A 53 12.43 16.19 -36.39
N LEU A 54 12.77 15.05 -37.01
CA LEU A 54 14.02 14.94 -37.78
C LEU A 54 13.71 14.38 -39.16
N HIS A 55 13.87 15.24 -40.18
CA HIS A 55 13.61 14.83 -41.55
C HIS A 55 14.74 13.97 -42.07
N LEU A 56 14.40 13.06 -42.98
CA LEU A 56 15.40 12.12 -43.49
C LEU A 56 16.55 12.86 -44.17
N LYS A 57 16.23 13.80 -45.07
CA LYS A 57 17.26 14.42 -45.89
C LYS A 57 18.33 15.08 -45.03
N PHE A 58 17.92 15.77 -43.97
CA PHE A 58 18.85 16.38 -43.02
C PHE A 58 19.75 15.32 -42.38
N TYR A 59 19.14 14.30 -41.81
CA TYR A 59 19.87 13.19 -41.21
C TYR A 59 20.89 12.61 -42.18
N GLU A 60 20.44 12.18 -43.36
CA GLU A 60 21.35 11.65 -44.38
C GLU A 60 22.52 12.60 -44.61
N THR A 61 22.21 13.90 -44.68
CA THR A 61 23.26 14.86 -45.00
C THR A 61 24.29 14.91 -43.88
N PHE A 62 23.83 15.03 -42.64
CA PHE A 62 24.76 15.10 -41.52
C PHE A 62 25.61 13.83 -41.43
N LEU A 63 24.99 12.67 -41.65
CA LEU A 63 25.76 11.43 -41.67
C LEU A 63 26.89 11.50 -42.69
N ALA A 64 26.59 11.98 -43.89
CA ALA A 64 27.61 12.04 -44.94
C ALA A 64 28.75 12.96 -44.54
N GLN A 65 28.42 14.02 -43.82
CA GLN A 65 29.45 14.94 -43.37
C GLN A 65 30.35 14.31 -42.33
N LEU A 66 29.78 13.54 -41.39
CA LEU A 66 30.64 12.82 -40.44
C LEU A 66 31.48 11.77 -41.16
N ALA A 67 30.91 11.13 -42.18
CA ALA A 67 31.71 10.18 -42.96
C ALA A 67 32.81 10.88 -43.74
N GLU A 68 32.53 12.08 -44.26
CA GLU A 68 33.56 12.85 -44.93
C GLU A 68 34.72 13.17 -43.99
N MSE A 69 34.46 13.26 -42.69
CA MSE A 69 35.55 13.46 -41.74
C MSE A 69 36.15 12.16 -41.26
O MSE A 69 37.03 12.15 -40.39
CB MSE A 69 35.08 14.29 -40.57
CG MSE A 69 34.97 15.75 -40.95
SE MSE A 69 34.18 16.82 -39.56
CE MSE A 69 32.41 16.05 -39.48
N ALA A 70 35.66 11.06 -41.82
CA ALA A 70 36.13 9.72 -41.51
C ALA A 70 35.91 9.33 -40.05
N ILE A 71 35.01 9.97 -39.33
CA ILE A 71 34.77 9.54 -37.95
C ILE A 71 33.70 8.45 -37.91
N ILE A 72 32.98 8.23 -38.99
CA ILE A 72 32.16 7.04 -39.17
C ILE A 72 32.26 6.65 -40.64
N THR A 73 31.69 5.48 -40.95
CA THR A 73 31.57 5.01 -42.32
C THR A 73 30.19 4.42 -42.46
N LEU A 74 29.60 4.55 -43.64
CA LEU A 74 28.21 4.18 -43.86
C LEU A 74 28.15 3.01 -44.83
N ASP A 75 27.31 2.06 -44.53
CA ASP A 75 27.02 0.90 -45.35
C ASP A 75 25.56 1.03 -45.78
N SER A 76 25.06 0.08 -46.57
CA SER A 76 23.66 0.18 -46.98
C SER A 76 22.72 0.21 -45.78
N PHE A 77 23.05 -0.57 -44.74
CA PHE A 77 22.17 -0.76 -43.59
C PHE A 77 22.79 -0.42 -42.26
N THR A 78 24.08 -0.09 -42.23
CA THR A 78 24.74 0.07 -40.95
C THR A 78 25.57 1.35 -40.91
N ILE A 79 25.73 1.88 -39.71
CA ILE A 79 26.74 2.87 -39.38
C ILE A 79 27.87 2.13 -38.68
N ASN A 80 29.08 2.22 -39.22
CA ASN A 80 30.26 1.76 -38.48
C ASN A 80 30.81 2.95 -37.70
N MSE A 81 30.87 2.81 -36.38
CA MSE A 81 31.33 3.90 -35.52
C MSE A 81 32.67 3.64 -34.84
O MSE A 81 32.92 4.17 -33.74
CB MSE A 81 30.28 4.20 -34.47
CG MSE A 81 28.99 4.76 -35.04
SE MSE A 81 27.55 4.66 -33.75
CE MSE A 81 27.36 2.71 -33.64
N THR A 82 33.55 2.86 -35.48
CA THR A 82 34.80 2.47 -34.86
C THR A 82 35.62 3.69 -34.47
N ASN A 83 35.90 4.56 -35.44
CA ASN A 83 36.68 5.76 -35.15
C ASN A 83 35.99 6.65 -34.14
N LEU A 84 34.66 6.76 -34.24
CA LEU A 84 33.93 7.54 -33.26
C LEU A 84 34.18 6.98 -31.85
N HIS A 85 33.97 5.67 -31.70
CA HIS A 85 34.26 5.02 -30.44
C HIS A 85 35.70 5.26 -30.00
N ASN A 86 36.66 5.13 -30.92
CA ASN A 86 38.06 5.24 -30.51
C ASN A 86 38.38 6.65 -30.08
N CYS A 87 37.99 7.64 -30.89
CA CYS A 87 38.24 9.05 -30.58
C CYS A 87 37.54 9.49 -29.29
N TYR A 88 36.29 9.07 -29.08
CA TYR A 88 35.62 9.45 -27.84
C TYR A 88 36.26 8.79 -26.62
N ARG A 89 36.87 7.61 -26.81
CA ARG A 89 37.60 6.93 -25.74
C ARG A 89 38.82 7.74 -25.33
N TYR A 90 39.51 8.32 -26.31
CA TYR A 90 40.64 9.18 -26.00
C TYR A 90 40.20 10.38 -25.17
N ILE A 91 39.05 10.95 -25.52
CA ILE A 91 38.55 12.14 -24.85
C ILE A 91 38.16 11.82 -23.42
N ILE A 92 37.43 10.71 -23.24
CA ILE A 92 37.15 10.19 -21.90
C ILE A 92 38.44 10.05 -21.10
N THR A 93 39.37 9.27 -21.63
CA THR A 93 40.62 9.00 -20.93
C THR A 93 41.37 10.28 -20.64
N ARG A 94 41.35 11.24 -21.59
CA ARG A 94 42.09 12.48 -21.41
C ARG A 94 41.45 13.35 -20.35
N PHE A 95 40.11 13.44 -20.38
CA PHE A 95 39.40 14.31 -19.45
C PHE A 95 39.15 13.66 -18.11
N GLN A 96 39.03 12.33 -18.05
CA GLN A 96 39.01 11.69 -16.73
C GLN A 96 40.31 11.99 -16.01
N SER A 97 41.43 11.88 -16.72
CA SER A 97 42.74 12.14 -16.16
C SER A 97 42.92 13.59 -15.71
N LEU A 98 42.20 14.53 -16.31
CA LEU A 98 42.33 15.92 -15.89
C LEU A 98 41.51 16.19 -14.63
N ILE A 99 40.32 15.58 -14.54
CA ILE A 99 39.46 15.79 -13.37
C ILE A 99 40.12 15.24 -12.11
N ASN A 100 40.79 14.08 -12.21
CA ASN A 100 41.38 13.47 -11.03
C ASN A 100 42.61 14.22 -10.52
N VAL A 101 43.25 15.03 -11.36
CA VAL A 101 44.27 15.95 -10.89
C VAL A 101 43.66 17.27 -10.44
N GLN A 102 42.39 17.52 -10.77
CA GLN A 102 41.66 18.70 -10.34
C GLN A 102 42.31 19.99 -10.85
N ILE A 103 42.64 20.00 -12.14
CA ILE A 103 43.26 21.16 -12.80
C ILE A 103 42.20 22.24 -12.96
N PRO A 104 42.54 23.49 -12.75
CA PRO A 104 41.54 24.57 -12.92
C PRO A 104 41.15 24.76 -14.37
N GLN A 105 42.17 24.84 -15.23
CA GLN A 105 41.96 25.10 -16.65
C GLN A 105 43.03 24.37 -17.45
N ILE A 106 42.69 24.04 -18.69
CA ILE A 106 43.65 23.42 -19.60
C ILE A 106 43.45 24.01 -20.99
N THR A 107 44.54 24.01 -21.76
CA THR A 107 44.58 24.53 -23.12
C THR A 107 45.04 23.39 -24.02
N ILE A 108 44.25 23.14 -25.06
CA ILE A 108 44.44 21.96 -25.90
C ILE A 108 44.47 22.41 -27.36
N LYS A 109 45.35 21.77 -28.14
CA LYS A 109 45.41 22.01 -29.57
C LYS A 109 44.51 21.01 -30.29
N TYR A 110 43.64 21.54 -31.17
CA TYR A 110 42.87 20.64 -32.04
C TYR A 110 43.76 19.60 -32.71
N SER A 111 45.00 19.98 -33.02
CA SER A 111 45.93 19.05 -33.63
C SER A 111 46.20 17.83 -32.74
N GLU A 112 46.13 18.01 -31.42
CA GLU A 112 46.44 16.89 -30.53
C GLU A 112 45.44 15.76 -30.71
N ILE A 113 44.15 16.06 -30.62
CA ILE A 113 43.15 15.01 -30.79
C ILE A 113 43.30 14.37 -32.17
N ARG A 114 43.55 15.21 -33.18
CA ARG A 114 43.68 14.70 -34.54
C ARG A 114 44.86 13.76 -34.67
N ASN A 115 46.03 14.17 -34.16
CA ASN A 115 47.19 13.30 -34.26
C ASN A 115 47.01 12.05 -33.43
N PHE A 116 46.64 12.20 -32.15
CA PHE A 116 46.52 11.02 -31.30
C PHE A 116 45.52 10.02 -31.87
N CYS A 117 44.44 10.50 -32.44
CA CYS A 117 43.44 9.58 -32.98
C CYS A 117 43.70 9.22 -34.43
N LYS A 118 44.63 9.89 -35.11
CA LYS A 118 44.90 9.69 -36.52
C LYS A 118 43.67 10.00 -37.37
N LEU A 119 43.02 11.12 -37.04
CA LEU A 119 41.86 11.63 -37.74
C LEU A 119 42.14 13.07 -38.13
N PRO A 120 42.86 13.29 -39.23
CA PRO A 120 43.23 14.67 -39.63
C PRO A 120 42.05 15.55 -40.04
N LEU A 121 40.93 14.98 -40.45
CA LEU A 121 39.86 15.81 -40.98
C LEU A 121 38.85 16.24 -39.94
N LEU A 122 39.05 15.90 -38.67
CA LEU A 122 38.07 16.28 -37.65
C LEU A 122 37.97 17.79 -37.58
N SER A 123 36.74 18.29 -37.58
CA SER A 123 36.59 19.73 -37.49
C SER A 123 36.71 20.19 -36.04
N LYS A 124 36.96 21.49 -35.88
CA LYS A 124 36.94 22.08 -34.56
C LYS A 124 35.57 21.91 -33.91
N LYS A 125 34.51 22.13 -34.69
CA LYS A 125 33.15 22.01 -34.16
C LYS A 125 32.91 20.61 -33.60
N LEU A 126 33.31 19.59 -34.35
CA LEU A 126 33.11 18.24 -33.88
C LEU A 126 33.92 17.97 -32.62
N ILE A 127 35.16 18.41 -32.59
CA ILE A 127 36.00 18.14 -31.43
C ILE A 127 35.41 18.77 -30.18
N LEU A 128 34.89 19.99 -30.29
CA LEU A 128 34.33 20.66 -29.13
C LEU A 128 33.04 20.00 -28.68
N GLN A 129 32.22 19.58 -29.65
CA GLN A 129 30.95 18.95 -29.28
C GLN A 129 31.17 17.59 -28.63
N MSE A 130 32.22 16.85 -28.99
CA MSE A 130 32.53 15.62 -28.28
C MSE A 130 33.04 15.90 -26.86
O MSE A 130 32.66 15.19 -25.93
CB MSE A 130 33.56 14.79 -29.03
CG MSE A 130 33.02 14.27 -30.34
SE MSE A 130 34.38 13.27 -31.27
CE MSE A 130 34.36 11.72 -30.13
N CYS A 131 33.84 16.96 -26.68
CA CYS A 131 34.30 17.29 -25.34
C CYS A 131 33.14 17.74 -24.46
N LYS A 132 32.29 18.61 -24.98
CA LYS A 132 31.11 19.05 -24.22
C LYS A 132 30.19 17.88 -23.91
N HIS A 133 30.07 16.92 -24.84
CA HIS A 133 29.23 15.76 -24.56
C HIS A 133 29.79 14.98 -23.39
N PHE A 134 31.12 14.88 -23.31
CA PHE A 134 31.69 14.13 -22.19
C PHE A 134 31.45 14.85 -20.87
N LEU A 135 31.73 16.16 -20.81
CA LEU A 135 31.59 16.87 -19.54
C LEU A 135 30.13 16.96 -19.12
N ASN A 136 29.21 17.06 -20.07
CA ASN A 136 27.80 17.10 -19.72
C ASN A 136 27.30 15.77 -19.19
N THR A 137 28.04 14.70 -19.43
CA THR A 137 27.61 13.33 -19.19
C THR A 137 28.42 12.64 -18.11
N THR A 138 29.59 13.17 -17.76
CA THR A 138 30.47 12.51 -16.81
C THR A 138 29.94 12.67 -15.39
N HIS A 139 30.05 11.61 -14.61
CA HIS A 139 29.70 11.63 -13.19
C HIS A 139 30.93 11.64 -12.29
N ILE A 140 32.06 11.16 -12.80
CA ILE A 140 33.20 10.81 -11.98
C ILE A 140 34.03 12.04 -11.65
N GLY A 141 34.44 12.14 -10.39
CA GLY A 141 35.20 13.26 -9.90
C GLY A 141 34.34 14.28 -9.18
N ASN A 142 35.02 15.18 -8.48
CA ASN A 142 34.35 16.27 -7.78
C ASN A 142 34.11 17.46 -8.68
N LEU A 143 33.68 17.21 -9.92
CA LEU A 143 33.40 18.26 -10.89
C LEU A 143 31.94 18.68 -10.79
N ILE A 144 31.69 20.00 -10.87
CA ILE A 144 30.33 20.52 -10.76
C ILE A 144 30.04 21.62 -11.80
N ASP A 145 31.09 22.25 -12.35
CA ASP A 145 30.88 23.19 -13.45
C ASP A 145 32.07 23.19 -14.39
N TRP A 146 31.81 23.51 -15.66
CA TRP A 146 32.84 23.56 -16.69
C TRP A 146 32.44 24.56 -17.76
N TRP A 147 33.40 24.91 -18.60
CA TRP A 147 33.15 25.85 -19.69
C TRP A 147 34.21 25.63 -20.74
N VAL A 148 33.82 25.72 -22.01
CA VAL A 148 34.74 25.50 -23.12
C VAL A 148 34.86 26.79 -23.89
N ASP A 149 36.09 27.28 -24.05
CA ASP A 149 36.34 28.55 -24.74
C ASP A 149 37.21 28.33 -25.96
N PRO A 150 36.65 28.41 -27.17
CA PRO A 150 37.47 28.30 -28.39
C PRO A 150 38.23 29.59 -28.63
N THR A 151 39.54 29.56 -28.38
CA THR A 151 40.37 30.75 -28.45
C THR A 151 41.11 30.99 -29.76
N SER A 152 42.17 30.23 -30.00
CA SER A 152 42.99 30.35 -31.20
C SER A 152 42.30 29.52 -32.30
N GLU A 153 42.78 29.71 -33.52
CA GLU A 153 42.41 28.80 -34.59
C GLU A 153 43.03 27.43 -34.39
N GLU A 154 44.01 27.32 -33.51
CA GLU A 154 44.71 26.07 -33.26
C GLU A 154 44.49 25.56 -31.84
N ARG A 155 43.79 26.31 -30.99
CA ARG A 155 43.71 26.02 -29.57
C ARG A 155 42.32 26.31 -29.02
N TYR A 156 41.93 25.53 -28.02
CA TYR A 156 40.81 25.88 -27.17
C TYR A 156 41.20 25.66 -25.71
N LYS A 157 40.44 26.26 -24.80
CA LYS A 157 40.65 26.11 -23.37
C LYS A 157 39.41 25.56 -22.70
N VAL A 158 39.62 24.82 -21.61
CA VAL A 158 38.52 24.30 -20.80
C VAL A 158 38.75 24.71 -19.36
N PHE A 159 37.69 25.19 -18.70
CA PHE A 159 37.74 25.59 -17.31
C PHE A 159 36.91 24.64 -16.48
N PHE A 160 37.46 24.23 -15.35
CA PHE A 160 36.80 23.27 -14.47
C PHE A 160 36.59 23.87 -13.10
N THR A 161 35.57 23.37 -12.43
CA THR A 161 35.16 23.82 -11.11
C THR A 161 35.11 22.61 -10.19
N TYR A 162 35.75 22.69 -9.04
CA TYR A 162 35.72 21.59 -8.10
C TYR A 162 35.26 22.08 -6.74
N SER A 163 34.58 21.19 -6.02
CA SER A 163 33.94 21.50 -4.75
C SER A 163 34.73 20.99 -3.55
N LEU B 5 -1.01 -3.74 -22.76
CA LEU B 5 0.24 -3.95 -23.46
C LEU B 5 0.75 -5.37 -23.24
N SER B 6 0.87 -6.16 -24.30
CA SER B 6 1.40 -7.52 -24.21
C SER B 6 2.10 -7.85 -25.51
N PRO B 7 3.01 -8.83 -25.51
CA PRO B 7 3.77 -9.13 -26.74
C PRO B 7 2.91 -9.43 -27.94
N LYS B 8 1.86 -10.24 -27.80
CA LYS B 8 1.06 -10.56 -28.98
C LYS B 8 0.11 -9.44 -29.36
N GLN B 9 -0.38 -8.67 -28.38
CA GLN B 9 -1.21 -7.53 -28.71
C GLN B 9 -0.41 -6.44 -29.41
N MSE B 10 0.88 -6.29 -29.06
CA MSE B 10 1.74 -5.27 -29.64
C MSE B 10 1.94 -5.59 -31.10
O MSE B 10 1.88 -4.71 -31.97
CB MSE B 10 3.08 -5.19 -28.91
CG MSE B 10 3.28 -3.92 -28.08
SE MSE B 10 2.92 -2.25 -29.09
CE MSE B 10 2.47 -1.06 -27.60
N LYS B 11 2.18 -6.87 -31.38
CA LYS B 11 2.35 -7.31 -32.76
C LYS B 11 1.10 -7.03 -33.57
N ARG B 12 -0.09 -7.17 -32.97
CA ARG B 12 -1.32 -6.85 -33.70
C ARG B 12 -1.40 -5.37 -34.01
N GLU B 13 -1.17 -4.53 -33.00
CA GLU B 13 -1.24 -3.08 -33.17
C GLU B 13 -0.25 -2.59 -34.22
N ILE B 14 0.98 -3.08 -34.18
CA ILE B 14 1.94 -2.72 -35.23
C ILE B 14 1.43 -3.15 -36.59
N LEU B 15 0.96 -4.39 -36.67
CA LEU B 15 0.46 -4.92 -37.94
C LEU B 15 -0.64 -4.04 -38.48
N GLY B 16 -1.58 -3.67 -37.61
CA GLY B 16 -2.69 -2.82 -38.03
C GLY B 16 -2.20 -1.56 -38.69
N VAL B 17 -1.24 -0.88 -38.05
CA VAL B 17 -0.71 0.37 -38.58
C VAL B 17 -0.07 0.14 -39.94
N LEU B 18 0.74 -0.91 -40.06
CA LEU B 18 1.41 -1.21 -41.33
C LEU B 18 0.39 -1.46 -42.44
N ILE B 19 -0.61 -2.29 -42.18
CA ILE B 19 -1.68 -2.51 -43.15
C ILE B 19 -2.27 -1.17 -43.59
N GLU B 20 -2.74 -0.38 -42.63
CA GLU B 20 -3.39 0.88 -42.97
C GLU B 20 -2.44 1.84 -43.69
N LYS B 21 -1.18 1.93 -43.26
CA LYS B 21 -0.21 2.74 -43.99
C LYS B 21 -0.03 2.23 -45.41
N SER B 22 0.07 0.91 -45.57
CA SER B 22 0.34 0.32 -46.89
C SER B 22 -0.85 0.45 -47.84
N MSE B 23 -1.99 0.95 -47.39
CA MSE B 23 -3.13 1.18 -48.28
C MSE B 23 -3.13 2.63 -48.82
O MSE B 23 -3.76 2.92 -49.84
CB MSE B 23 -4.45 0.88 -47.53
CG MSE B 23 -5.12 -0.52 -47.80
SE MSE B 23 -4.26 -1.91 -48.95
CE MSE B 23 -2.90 -2.50 -47.71
N GLU B 24 -2.42 3.52 -48.12
CA GLU B 24 -2.18 4.89 -48.59
C GLU B 24 -0.93 5.01 -49.44
N SER B 25 0.08 4.19 -49.18
CA SER B 25 1.39 4.36 -49.78
C SER B 25 2.20 3.10 -49.53
N LYS B 26 2.77 2.52 -50.57
CA LYS B 26 3.52 1.29 -50.40
C LYS B 26 4.88 1.49 -49.75
N VAL B 27 5.34 2.72 -49.57
CA VAL B 27 6.61 2.98 -48.90
C VAL B 27 6.41 4.07 -47.85
N CYS B 28 6.82 3.78 -46.61
CA CYS B 28 6.88 4.78 -45.55
C CYS B 28 8.27 4.75 -44.93
N LYS B 29 8.57 5.80 -44.17
CA LYS B 29 9.79 5.84 -43.37
C LYS B 29 9.65 4.90 -42.17
N ILE B 30 10.80 4.40 -41.70
CA ILE B 30 10.78 3.32 -40.70
C ILE B 30 10.15 3.79 -39.39
N TYR B 31 10.30 5.08 -39.04
CA TYR B 31 9.75 5.58 -37.79
C TYR B 31 8.26 5.91 -37.87
N GLU B 32 7.72 6.20 -39.06
CA GLU B 32 6.32 6.60 -39.18
C GLU B 32 5.33 5.63 -38.54
N PRO B 33 5.48 4.30 -38.62
CA PRO B 33 4.51 3.44 -37.94
C PRO B 33 4.64 3.55 -36.44
N LEU B 34 5.88 3.44 -35.97
CA LEU B 34 6.16 3.65 -34.56
C LEU B 34 5.71 5.03 -34.10
N LEU B 35 5.63 5.99 -35.02
CA LEU B 35 5.21 7.34 -34.65
C LEU B 35 3.71 7.40 -34.36
N SER B 36 2.87 6.89 -35.27
CA SER B 36 1.42 6.92 -35.08
C SER B 36 0.92 5.74 -34.24
N ILE B 37 1.71 5.28 -33.28
CA ILE B 37 1.26 4.42 -32.20
C ILE B 37 1.42 5.12 -30.85
N ASN B 38 2.55 5.80 -30.65
CA ASN B 38 2.85 6.56 -29.43
C ASN B 38 2.39 8.01 -29.53
N VAL B 53 4.96 3.21 -24.16
CA VAL B 53 3.98 2.26 -24.66
C VAL B 53 4.68 1.07 -25.34
N LEU B 54 5.74 1.35 -26.11
CA LEU B 54 6.39 0.38 -26.99
C LEU B 54 7.85 0.77 -27.19
N HIS B 55 8.74 -0.21 -27.22
CA HIS B 55 10.14 0.13 -27.37
C HIS B 55 10.73 -0.34 -28.69
N LEU B 56 11.85 0.29 -29.05
CA LEU B 56 12.44 0.15 -30.38
C LEU B 56 12.85 -1.28 -30.66
N LYS B 57 13.51 -1.94 -29.70
CA LYS B 57 14.04 -3.26 -30.00
C LYS B 57 12.91 -4.22 -30.35
N PHE B 58 11.80 -4.14 -29.61
CA PHE B 58 10.64 -4.96 -29.93
C PHE B 58 10.12 -4.65 -31.34
N TYR B 59 9.89 -3.37 -31.62
CA TYR B 59 9.45 -2.95 -32.96
C TYR B 59 10.42 -3.37 -34.03
N GLU B 60 11.73 -3.18 -33.80
CA GLU B 60 12.72 -3.60 -34.78
C GLU B 60 12.67 -5.10 -35.02
N THR B 61 12.61 -5.89 -33.95
CA THR B 61 12.59 -7.34 -34.12
C THR B 61 11.37 -7.77 -34.89
N PHE B 62 10.21 -7.17 -34.59
CA PHE B 62 8.99 -7.57 -35.29
C PHE B 62 9.10 -7.30 -36.78
N LEU B 63 9.49 -6.08 -37.16
CA LEU B 63 9.78 -5.77 -38.56
C LEU B 63 10.71 -6.79 -39.19
N ALA B 64 11.71 -7.25 -38.44
CA ALA B 64 12.64 -8.24 -39.00
C ALA B 64 11.92 -9.54 -39.28
N GLN B 65 10.95 -9.90 -38.44
CA GLN B 65 10.25 -11.16 -38.68
C GLN B 65 9.32 -11.04 -39.86
N LEU B 66 8.66 -9.89 -40.02
CA LEU B 66 7.80 -9.70 -41.19
C LEU B 66 8.62 -9.74 -42.47
N ALA B 67 9.85 -9.24 -42.41
CA ALA B 67 10.66 -9.26 -43.62
C ALA B 67 11.19 -10.66 -43.91
N GLU B 68 11.47 -11.43 -42.86
CA GLU B 68 11.84 -12.83 -43.05
C GLU B 68 10.72 -13.65 -43.70
N MSE B 69 9.49 -13.16 -43.69
CA MSE B 69 8.37 -13.82 -44.36
C MSE B 69 8.09 -13.17 -45.70
O MSE B 69 7.17 -13.54 -46.41
CB MSE B 69 7.13 -13.78 -43.46
CG MSE B 69 7.32 -14.59 -42.21
SE MSE B 69 5.75 -14.75 -41.04
CE MSE B 69 5.09 -12.91 -41.12
N ALA B 70 8.91 -12.18 -46.04
CA ALA B 70 8.86 -11.48 -47.31
C ALA B 70 7.64 -10.59 -47.45
N ILE B 71 6.81 -10.43 -46.42
CA ILE B 71 5.64 -9.58 -46.62
C ILE B 71 6.03 -8.10 -46.57
N ILE B 72 7.20 -7.77 -46.03
CA ILE B 72 7.77 -6.43 -46.16
C ILE B 72 9.27 -6.60 -46.36
N THR B 73 9.89 -5.55 -46.88
CA THR B 73 11.35 -5.54 -46.91
C THR B 73 11.87 -4.21 -46.39
N LEU B 74 12.99 -4.27 -45.67
CA LEU B 74 13.55 -3.10 -45.00
C LEU B 74 14.65 -2.53 -45.87
N ASP B 75 14.53 -1.27 -46.21
CA ASP B 75 15.63 -0.62 -46.89
C ASP B 75 16.38 0.22 -45.86
N SER B 76 17.19 1.17 -46.33
CA SER B 76 18.00 1.97 -45.43
C SER B 76 17.15 2.74 -44.42
N PHE B 77 16.18 3.48 -44.91
CA PHE B 77 15.36 4.29 -44.01
C PHE B 77 13.87 4.05 -44.19
N THR B 78 13.47 3.13 -45.05
CA THR B 78 12.08 2.97 -45.41
C THR B 78 11.66 1.51 -45.30
N ILE B 79 10.36 1.33 -45.10
CA ILE B 79 9.72 0.03 -45.19
C ILE B 79 9.05 -0.03 -46.56
N ASN B 80 9.36 -1.07 -47.34
CA ASN B 80 8.62 -1.37 -48.56
C ASN B 80 7.53 -2.39 -48.24
N MSE B 81 6.27 -1.94 -48.35
CA MSE B 81 5.15 -2.76 -47.95
C MSE B 81 4.30 -3.16 -49.17
O MSE B 81 3.07 -3.27 -49.08
CB MSE B 81 4.30 -2.02 -46.92
CG MSE B 81 4.76 -0.63 -46.57
SE MSE B 81 3.88 -0.05 -44.92
CE MSE B 81 4.44 -1.59 -43.90
N THR B 82 4.97 -3.38 -50.29
CA THR B 82 4.30 -3.75 -51.52
C THR B 82 3.53 -5.05 -51.36
N ASN B 83 4.18 -6.10 -50.84
CA ASN B 83 3.52 -7.40 -50.69
C ASN B 83 2.43 -7.35 -49.63
N LEU B 84 2.66 -6.59 -48.56
CA LEU B 84 1.60 -6.37 -47.58
C LEU B 84 0.38 -5.75 -48.24
N HIS B 85 0.58 -4.66 -48.98
CA HIS B 85 -0.50 -4.04 -49.75
C HIS B 85 -1.21 -5.05 -50.64
N ASN B 86 -0.44 -5.81 -51.43
CA ASN B 86 -1.05 -6.73 -52.37
C ASN B 86 -1.78 -7.86 -51.67
N CYS B 87 -1.17 -8.39 -50.62
CA CYS B 87 -1.78 -9.45 -49.85
C CYS B 87 -3.07 -8.99 -49.19
N TYR B 88 -3.06 -7.76 -48.65
CA TYR B 88 -4.27 -7.23 -48.06
C TYR B 88 -5.31 -6.93 -49.12
N ARG B 89 -4.89 -6.46 -50.31
CA ARG B 89 -5.82 -6.29 -51.43
C ARG B 89 -6.57 -7.59 -51.69
N TYR B 90 -5.85 -8.71 -51.67
CA TYR B 90 -6.48 -10.00 -51.91
C TYR B 90 -7.52 -10.31 -50.83
N ILE B 91 -7.16 -10.05 -49.57
CA ILE B 91 -8.08 -10.31 -48.47
C ILE B 91 -9.31 -9.43 -48.57
N ILE B 92 -9.12 -8.15 -48.93
CA ILE B 92 -10.24 -7.25 -49.08
C ILE B 92 -11.15 -7.74 -50.19
N THR B 93 -10.59 -8.09 -51.34
CA THR B 93 -11.42 -8.53 -52.45
C THR B 93 -12.23 -9.78 -52.08
N ARG B 94 -11.57 -10.78 -51.50
CA ARG B 94 -12.22 -12.06 -51.25
C ARG B 94 -13.31 -11.93 -50.20
N PHE B 95 -13.06 -11.17 -49.15
CA PHE B 95 -14.03 -11.09 -48.07
C PHE B 95 -15.15 -10.12 -48.39
N GLN B 96 -14.83 -8.99 -49.02
CA GLN B 96 -15.87 -8.06 -49.43
C GLN B 96 -16.79 -8.73 -50.42
N SER B 97 -16.23 -9.58 -51.29
CA SER B 97 -17.02 -10.27 -52.29
C SER B 97 -17.90 -11.34 -51.66
N LEU B 98 -17.45 -11.96 -50.56
CA LEU B 98 -18.28 -12.90 -49.82
C LEU B 98 -19.36 -12.19 -49.01
N ILE B 99 -18.97 -11.12 -48.29
CA ILE B 99 -19.92 -10.37 -47.48
C ILE B 99 -21.02 -9.76 -48.36
N ASN B 100 -20.64 -9.12 -49.47
CA ASN B 100 -21.63 -8.45 -50.31
C ASN B 100 -22.73 -9.41 -50.75
N VAL B 101 -22.38 -10.68 -50.96
CA VAL B 101 -23.34 -11.69 -51.35
C VAL B 101 -24.00 -12.36 -50.15
N GLN B 102 -23.68 -11.90 -48.93
CA GLN B 102 -24.24 -12.40 -47.66
C GLN B 102 -24.07 -13.92 -47.51
N ILE B 103 -22.83 -14.36 -47.68
CA ILE B 103 -22.49 -15.76 -47.52
C ILE B 103 -22.41 -16.11 -46.04
N PRO B 104 -23.00 -17.22 -45.61
CA PRO B 104 -23.06 -17.53 -44.17
C PRO B 104 -21.72 -17.94 -43.57
N GLN B 105 -20.89 -18.66 -44.32
CA GLN B 105 -19.59 -19.07 -43.81
C GLN B 105 -18.68 -19.41 -44.98
N ILE B 106 -17.39 -19.54 -44.68
CA ILE B 106 -16.42 -19.91 -45.70
C ILE B 106 -15.33 -20.72 -45.04
N THR B 107 -14.78 -21.67 -45.79
CA THR B 107 -13.60 -22.41 -45.39
C THR B 107 -12.47 -21.96 -46.29
N ILE B 108 -11.31 -21.69 -45.69
CA ILE B 108 -10.19 -21.10 -46.41
C ILE B 108 -8.95 -21.90 -46.05
N LYS B 109 -8.20 -22.29 -47.08
CA LYS B 109 -6.90 -22.92 -46.93
C LYS B 109 -5.82 -21.84 -46.89
N TYR B 110 -4.95 -21.92 -45.89
CA TYR B 110 -3.85 -20.98 -45.78
C TYR B 110 -3.01 -20.90 -47.06
N SER B 111 -2.94 -22.00 -47.81
CA SER B 111 -2.16 -22.02 -49.05
C SER B 111 -2.78 -21.20 -50.19
N GLU B 112 -4.07 -20.90 -50.15
CA GLU B 112 -4.62 -20.05 -51.21
C GLU B 112 -3.98 -18.67 -51.18
N ILE B 113 -3.97 -18.03 -50.02
CA ILE B 113 -3.33 -16.73 -49.90
C ILE B 113 -1.86 -16.86 -50.27
N ARG B 114 -1.18 -17.89 -49.76
CA ARG B 114 0.25 -18.03 -49.99
C ARG B 114 0.56 -18.16 -51.47
N ASN B 115 -0.15 -19.06 -52.17
CA ASN B 115 0.17 -19.29 -53.57
C ASN B 115 -0.18 -18.08 -54.42
N PHE B 116 -1.40 -17.57 -54.26
CA PHE B 116 -1.79 -16.43 -55.07
C PHE B 116 -0.85 -15.26 -54.85
N CYS B 117 -0.49 -15.00 -53.61
CA CYS B 117 0.37 -13.87 -53.32
C CYS B 117 1.85 -14.20 -53.44
N LYS B 118 2.18 -15.46 -53.75
CA LYS B 118 3.56 -15.95 -53.80
C LYS B 118 4.33 -15.47 -52.56
N LEU B 119 3.83 -15.91 -51.41
CA LEU B 119 4.44 -15.66 -50.11
C LEU B 119 4.44 -16.96 -49.33
N PRO B 120 5.37 -17.87 -49.60
CA PRO B 120 5.30 -19.21 -48.98
C PRO B 120 5.53 -19.22 -47.49
N LEU B 121 6.13 -18.17 -46.91
CA LEU B 121 6.45 -18.17 -45.49
C LEU B 121 5.49 -17.35 -44.63
N LEU B 122 4.35 -16.92 -45.18
CA LEU B 122 3.29 -16.31 -44.36
C LEU B 122 2.83 -17.26 -43.26
N SER B 123 2.95 -16.79 -42.02
CA SER B 123 2.43 -17.55 -40.88
C SER B 123 0.90 -17.60 -40.88
N LYS B 124 0.37 -18.70 -40.35
CA LYS B 124 -1.06 -18.73 -40.05
C LYS B 124 -1.47 -17.53 -39.22
N LYS B 125 -0.67 -17.24 -38.19
CA LYS B 125 -0.93 -16.12 -37.30
C LYS B 125 -1.14 -14.84 -38.09
N LEU B 126 -0.22 -14.55 -39.00
CA LEU B 126 -0.32 -13.31 -39.76
C LEU B 126 -1.57 -13.29 -40.64
N ILE B 127 -1.90 -14.43 -41.26
CA ILE B 127 -3.06 -14.46 -42.15
C ILE B 127 -4.35 -14.23 -41.36
N LEU B 128 -4.46 -14.85 -40.18
CA LEU B 128 -5.66 -14.64 -39.36
C LEU B 128 -5.76 -13.21 -38.87
N GLN B 129 -4.64 -12.56 -38.60
CA GLN B 129 -4.72 -11.21 -38.07
C GLN B 129 -5.08 -10.21 -39.14
N MSE B 130 -4.70 -10.47 -40.39
CA MSE B 130 -5.05 -9.58 -41.49
C MSE B 130 -6.56 -9.65 -41.80
O MSE B 130 -7.20 -8.63 -42.05
CB MSE B 130 -4.23 -9.93 -42.73
CG MSE B 130 -2.74 -9.71 -42.53
SE MSE B 130 -1.75 -9.98 -44.19
CE MSE B 130 -2.75 -8.72 -45.26
N CYS B 131 -7.10 -10.87 -41.79
CA CYS B 131 -8.54 -11.04 -41.90
C CYS B 131 -9.28 -10.37 -40.75
N LYS B 132 -8.81 -10.60 -39.52
CA LYS B 132 -9.47 -10.00 -38.38
C LYS B 132 -9.41 -8.48 -38.48
N HIS B 133 -8.26 -7.93 -38.87
CA HIS B 133 -8.17 -6.49 -39.10
C HIS B 133 -9.18 -6.02 -40.14
N PHE B 134 -9.32 -6.74 -41.25
CA PHE B 134 -10.32 -6.36 -42.24
C PHE B 134 -11.73 -6.40 -41.66
N LEU B 135 -12.06 -7.46 -40.91
CA LEU B 135 -13.43 -7.61 -40.44
C LEU B 135 -13.79 -6.58 -39.37
N ASN B 136 -12.82 -6.01 -38.65
CA ASN B 136 -13.08 -4.96 -37.67
C ASN B 136 -13.03 -3.56 -38.27
N THR B 137 -12.84 -3.43 -39.56
CA THR B 137 -12.54 -2.16 -40.20
C THR B 137 -13.47 -1.84 -41.33
N THR B 138 -14.00 -2.85 -42.03
CA THR B 138 -14.85 -2.60 -43.17
C THR B 138 -16.20 -2.04 -42.75
N HIS B 139 -16.61 -0.97 -43.42
CA HIS B 139 -17.99 -0.51 -43.26
C HIS B 139 -18.93 -1.25 -44.19
N ILE B 140 -18.46 -1.54 -45.40
CA ILE B 140 -19.36 -1.90 -46.48
C ILE B 140 -20.00 -3.26 -46.19
N GLY B 141 -21.27 -3.39 -46.57
CA GLY B 141 -22.06 -4.57 -46.34
C GLY B 141 -23.02 -4.41 -45.16
N ASN B 142 -23.80 -5.46 -44.96
CA ASN B 142 -24.67 -5.59 -43.79
C ASN B 142 -24.09 -6.53 -42.75
N LEU B 143 -22.77 -6.48 -42.56
CA LEU B 143 -22.08 -7.38 -41.65
C LEU B 143 -22.22 -6.83 -40.23
N ILE B 144 -22.90 -7.60 -39.36
CA ILE B 144 -23.05 -7.19 -37.98
C ILE B 144 -22.13 -7.97 -37.05
N ASP B 145 -21.88 -9.25 -37.32
CA ASP B 145 -21.04 -10.05 -36.45
C ASP B 145 -20.32 -11.11 -37.27
N TRP B 146 -19.16 -11.53 -36.78
CA TRP B 146 -18.32 -12.49 -37.47
C TRP B 146 -17.49 -13.26 -36.45
N TRP B 147 -17.03 -14.44 -36.84
CA TRP B 147 -16.22 -15.24 -35.95
C TRP B 147 -15.24 -16.07 -36.75
N VAL B 148 -13.99 -16.10 -36.30
CA VAL B 148 -12.90 -16.78 -37.01
C VAL B 148 -12.53 -18.02 -36.24
N ASP B 149 -12.55 -19.18 -36.89
CA ASP B 149 -12.31 -20.48 -36.27
C ASP B 149 -11.13 -21.20 -36.90
N PRO B 150 -9.93 -21.16 -36.32
CA PRO B 150 -8.84 -22.02 -36.79
C PRO B 150 -9.13 -23.50 -36.55
N THR B 151 -9.46 -24.25 -37.59
CA THR B 151 -9.71 -25.67 -37.40
C THR B 151 -8.58 -26.67 -37.69
N SER B 152 -8.09 -26.71 -38.92
CA SER B 152 -7.02 -27.63 -39.29
C SER B 152 -5.73 -26.83 -39.09
N GLU B 153 -4.61 -27.56 -39.20
CA GLU B 153 -3.31 -26.98 -39.46
C GLU B 153 -3.18 -26.55 -40.92
N GLU B 154 -4.24 -26.68 -41.71
CA GLU B 154 -4.23 -26.24 -43.09
C GLU B 154 -5.44 -25.39 -43.46
N ARG B 155 -6.43 -25.27 -42.57
CA ARG B 155 -7.69 -24.63 -42.88
C ARG B 155 -8.16 -23.79 -41.71
N TYR B 156 -9.03 -22.84 -42.02
CA TYR B 156 -9.76 -22.09 -41.02
C TYR B 156 -11.11 -21.69 -41.61
N LYS B 157 -12.05 -21.37 -40.74
CA LYS B 157 -13.41 -21.05 -41.12
C LYS B 157 -13.77 -19.67 -40.61
N VAL B 158 -14.52 -18.92 -41.39
CA VAL B 158 -15.06 -17.66 -40.91
C VAL B 158 -16.57 -17.75 -41.04
N PHE B 159 -17.26 -17.39 -39.96
CA PHE B 159 -18.72 -17.37 -39.90
C PHE B 159 -19.17 -15.92 -39.90
N PHE B 160 -20.18 -15.62 -40.73
CA PHE B 160 -20.71 -14.28 -40.87
C PHE B 160 -22.14 -14.20 -40.36
N THR B 161 -22.47 -13.08 -39.74
CA THR B 161 -23.81 -12.78 -39.27
C THR B 161 -24.24 -11.42 -39.79
N TYR B 162 -25.39 -11.37 -40.43
CA TYR B 162 -25.82 -10.18 -41.14
C TYR B 162 -27.06 -9.58 -40.47
N SER B 163 -27.29 -8.31 -40.76
CA SER B 163 -28.53 -7.64 -40.38
C SER B 163 -29.53 -7.75 -41.53
N LYS B 164 -30.73 -8.22 -41.22
CA LYS B 164 -31.84 -8.19 -42.15
C LYS B 164 -33.11 -8.45 -41.37
N LEU C 5 -21.48 -1.04 -10.16
CA LEU C 5 -22.21 -2.23 -10.62
C LEU C 5 -23.46 -1.81 -11.39
N SER C 6 -23.54 -2.19 -12.68
CA SER C 6 -24.65 -1.77 -13.53
C SER C 6 -25.90 -2.60 -13.23
N PRO C 7 -27.09 -2.05 -13.49
CA PRO C 7 -28.33 -2.80 -13.23
C PRO C 7 -28.39 -4.17 -13.89
N LYS C 8 -27.84 -4.35 -15.08
CA LYS C 8 -27.92 -5.64 -15.74
C LYS C 8 -26.67 -6.48 -15.57
N GLN C 9 -25.69 -5.99 -14.82
CA GLN C 9 -24.58 -6.84 -14.37
C GLN C 9 -24.72 -7.26 -12.92
N MSE C 10 -25.47 -6.51 -12.12
CA MSE C 10 -25.89 -6.97 -10.82
C MSE C 10 -26.75 -8.21 -11.01
O MSE C 10 -26.64 -9.17 -10.24
CB MSE C 10 -26.71 -5.91 -10.09
CG MSE C 10 -25.91 -4.83 -9.40
SE MSE C 10 -27.13 -3.63 -8.45
CE MSE C 10 -25.83 -2.28 -7.89
N LYS C 11 -27.62 -8.16 -12.03
CA LYS C 11 -28.47 -9.30 -12.33
C LYS C 11 -27.63 -10.54 -12.61
N ARG C 12 -26.54 -10.38 -13.37
CA ARG C 12 -25.67 -11.50 -13.68
C ARG C 12 -25.06 -12.10 -12.41
N GLU C 13 -24.71 -11.24 -11.46
CA GLU C 13 -24.07 -11.68 -10.24
C GLU C 13 -25.02 -12.46 -9.32
N ILE C 14 -26.28 -12.01 -9.18
CA ILE C 14 -27.25 -12.75 -8.37
C ILE C 14 -27.59 -14.09 -9.00
N LEU C 15 -27.70 -14.12 -10.34
CA LEU C 15 -27.98 -15.35 -11.08
C LEU C 15 -26.86 -16.37 -10.96
N GLY C 16 -25.60 -15.93 -11.06
CA GLY C 16 -24.49 -16.86 -10.91
C GLY C 16 -24.49 -17.55 -9.56
N VAL C 17 -24.78 -16.79 -8.50
CA VAL C 17 -24.80 -17.37 -7.17
C VAL C 17 -26.01 -18.28 -7.00
N LEU C 18 -27.18 -17.90 -7.51
CA LEU C 18 -28.34 -18.79 -7.44
C LEU C 18 -28.08 -20.10 -8.17
N ILE C 19 -27.35 -20.05 -9.29
CA ILE C 19 -27.02 -21.26 -10.02
C ILE C 19 -26.15 -22.17 -9.15
N GLU C 20 -25.05 -21.61 -8.63
CA GLU C 20 -24.14 -22.43 -7.83
C GLU C 20 -24.84 -22.98 -6.60
N LYS C 21 -25.64 -22.15 -5.94
CA LYS C 21 -26.43 -22.64 -4.83
C LYS C 21 -27.30 -23.82 -5.23
N SER C 22 -27.95 -23.73 -6.38
CA SER C 22 -28.88 -24.79 -6.78
C SER C 22 -28.18 -26.11 -7.02
N MSE C 23 -26.90 -26.08 -7.36
CA MSE C 23 -26.14 -27.29 -7.67
C MSE C 23 -25.76 -28.08 -6.42
O MSE C 23 -25.26 -29.20 -6.50
CB MSE C 23 -24.87 -26.95 -8.47
CG MSE C 23 -25.10 -26.62 -9.95
SE MSE C 23 -26.43 -27.76 -10.82
CE MSE C 23 -27.98 -26.60 -10.76
N GLU C 24 -26.03 -27.48 -5.26
CA GLU C 24 -25.65 -28.03 -3.96
C GLU C 24 -26.87 -28.34 -3.10
N SER C 25 -27.76 -27.37 -2.91
CA SER C 25 -29.04 -27.59 -2.25
C SER C 25 -30.12 -26.88 -3.06
N LYS C 26 -31.32 -27.44 -3.01
CA LYS C 26 -32.42 -26.93 -3.80
C LYS C 26 -33.31 -25.97 -3.03
N VAL C 27 -33.12 -25.81 -1.73
CA VAL C 27 -33.83 -24.80 -0.95
C VAL C 27 -32.81 -23.96 -0.19
N CYS C 28 -33.06 -22.66 -0.12
CA CYS C 28 -32.23 -21.77 0.68
C CYS C 28 -33.13 -20.69 1.26
N LYS C 29 -32.64 -20.07 2.33
CA LYS C 29 -33.32 -18.90 2.85
C LYS C 29 -33.15 -17.74 1.88
N ILE C 30 -34.11 -16.83 1.91
CA ILE C 30 -34.18 -15.75 0.94
C ILE C 30 -33.01 -14.78 1.09
N TYR C 31 -32.47 -14.61 2.30
CA TYR C 31 -31.33 -13.71 2.42
C TYR C 31 -30.02 -14.38 2.03
N GLU C 32 -29.97 -15.71 2.00
CA GLU C 32 -28.67 -16.38 1.89
C GLU C 32 -27.93 -16.08 0.59
N PRO C 33 -28.55 -15.95 -0.57
CA PRO C 33 -27.77 -15.53 -1.76
C PRO C 33 -27.05 -14.22 -1.54
N LEU C 34 -27.75 -13.26 -0.94
CA LEU C 34 -27.19 -11.96 -0.62
C LEU C 34 -26.01 -12.05 0.32
N LEU C 35 -25.93 -13.11 1.11
CA LEU C 35 -24.82 -13.21 2.04
C LEU C 35 -23.50 -13.37 1.29
N SER C 36 -23.43 -14.30 0.35
CA SER C 36 -22.19 -14.57 -0.35
C SER C 36 -21.93 -13.62 -1.52
N ILE C 37 -22.91 -12.84 -1.96
CA ILE C 37 -22.65 -11.84 -3.00
C ILE C 37 -21.74 -10.75 -2.48
N ASN C 38 -22.08 -10.17 -1.32
CA ASN C 38 -21.34 -9.04 -0.77
C ASN C 38 -20.13 -9.44 0.06
N LEU C 39 -19.93 -10.73 0.33
CA LEU C 39 -18.73 -11.22 0.98
C LEU C 39 -17.64 -11.57 -0.03
N GLY C 40 -18.00 -12.25 -1.12
CA GLY C 40 -17.06 -12.55 -2.18
C GLY C 40 -17.72 -12.95 -3.50
N LEU C 54 -25.44 -1.85 -4.41
CA LEU C 54 -26.32 -3.01 -4.45
C LEU C 54 -27.16 -3.10 -3.18
N HIS C 55 -28.47 -3.11 -3.35
CA HIS C 55 -29.37 -3.02 -2.22
C HIS C 55 -30.52 -4.02 -2.38
N LEU C 56 -31.45 -3.95 -1.41
CA LEU C 56 -32.45 -4.97 -1.20
C LEU C 56 -33.59 -4.90 -2.20
N LYS C 57 -34.13 -3.70 -2.41
CA LYS C 57 -35.28 -3.61 -3.30
C LYS C 57 -34.92 -4.02 -4.72
N PHE C 58 -33.64 -3.85 -5.10
CA PHE C 58 -33.19 -4.31 -6.41
C PHE C 58 -33.11 -5.82 -6.45
N TYR C 59 -32.48 -6.41 -5.44
CA TYR C 59 -32.42 -7.85 -5.29
C TYR C 59 -33.78 -8.47 -5.11
N GLU C 60 -34.70 -7.77 -4.43
CA GLU C 60 -36.06 -8.30 -4.25
C GLU C 60 -36.83 -8.24 -5.57
N THR C 61 -36.66 -7.16 -6.32
CA THR C 61 -37.31 -7.03 -7.62
C THR C 61 -36.79 -8.08 -8.58
N PHE C 62 -35.47 -8.30 -8.59
CA PHE C 62 -34.90 -9.29 -9.48
C PHE C 62 -35.35 -10.71 -9.12
N LEU C 63 -35.40 -11.04 -7.82
CA LEU C 63 -35.87 -12.35 -7.40
C LEU C 63 -37.32 -12.57 -7.82
N ALA C 64 -38.14 -11.53 -7.70
CA ALA C 64 -39.53 -11.60 -8.17
C ALA C 64 -39.57 -11.81 -9.68
N GLN C 65 -38.73 -11.09 -10.42
CA GLN C 65 -38.67 -11.27 -11.87
C GLN C 65 -38.32 -12.71 -12.23
N LEU C 66 -37.30 -13.27 -11.57
CA LEU C 66 -37.01 -14.68 -11.77
C LEU C 66 -38.23 -15.52 -11.41
N ALA C 67 -38.90 -15.17 -10.31
CA ALA C 67 -40.05 -15.94 -9.87
C ALA C 67 -41.23 -15.80 -10.84
N GLU C 68 -41.32 -14.69 -11.56
CA GLU C 68 -42.34 -14.57 -12.60
C GLU C 68 -42.15 -15.62 -13.68
N MSE C 69 -40.93 -16.09 -13.87
CA MSE C 69 -40.65 -17.07 -14.91
C MSE C 69 -40.61 -18.49 -14.35
O MSE C 69 -40.35 -19.43 -15.08
CB MSE C 69 -39.35 -16.75 -15.59
CG MSE C 69 -39.30 -15.38 -16.19
SE MSE C 69 -37.58 -15.03 -16.99
CE MSE C 69 -36.45 -15.13 -15.41
N ALA C 70 -40.86 -18.60 -13.03
CA ALA C 70 -40.86 -19.86 -12.31
C ALA C 70 -39.55 -20.61 -12.44
N ILE C 71 -38.47 -19.92 -12.77
CA ILE C 71 -37.18 -20.57 -12.67
C ILE C 71 -36.90 -20.83 -11.19
N ILE C 72 -37.45 -19.99 -10.33
CA ILE C 72 -37.42 -20.20 -8.88
C ILE C 72 -38.79 -19.81 -8.36
N THR C 73 -39.14 -20.37 -7.20
CA THR C 73 -40.33 -19.95 -6.48
C THR C 73 -39.97 -19.48 -5.09
N LEU C 74 -40.73 -18.50 -4.61
CA LEU C 74 -40.49 -17.82 -3.34
C LEU C 74 -41.60 -18.18 -2.36
N ASP C 75 -41.28 -19.05 -1.39
CA ASP C 75 -42.22 -19.43 -0.34
C ASP C 75 -42.03 -18.32 0.70
N SER C 76 -42.34 -18.60 1.97
CA SER C 76 -42.18 -17.58 3.01
C SER C 76 -40.86 -16.82 3.07
N PHE C 77 -39.80 -17.54 3.41
CA PHE C 77 -38.50 -17.02 3.77
C PHE C 77 -37.45 -17.83 3.01
N THR C 78 -37.86 -18.44 1.92
CA THR C 78 -37.12 -19.51 1.27
C THR C 78 -37.22 -19.34 -0.23
N ILE C 79 -36.17 -19.75 -0.94
CA ILE C 79 -36.17 -19.80 -2.40
C ILE C 79 -36.08 -21.26 -2.80
N ASN C 80 -37.10 -21.74 -3.49
CA ASN C 80 -37.14 -23.08 -4.03
C ASN C 80 -36.44 -23.07 -5.39
N MSE C 81 -35.33 -23.80 -5.51
CA MSE C 81 -34.52 -23.76 -6.74
C MSE C 81 -34.52 -25.05 -7.51
O MSE C 81 -33.56 -25.35 -8.21
CB MSE C 81 -33.10 -23.37 -6.44
CG MSE C 81 -32.92 -21.95 -5.94
SE MSE C 81 -31.17 -21.71 -5.08
CE MSE C 81 -31.07 -19.81 -5.24
N THR C 82 -35.60 -25.82 -7.37
CA THR C 82 -35.70 -27.10 -8.08
C THR C 82 -35.74 -26.87 -9.59
N ASN C 83 -36.60 -25.97 -10.04
CA ASN C 83 -36.63 -25.62 -11.45
C ASN C 83 -35.25 -25.18 -11.93
N LEU C 84 -34.66 -24.19 -11.27
CA LEU C 84 -33.35 -23.70 -11.67
C LEU C 84 -32.33 -24.83 -11.72
N HIS C 85 -32.36 -25.73 -10.72
CA HIS C 85 -31.43 -26.84 -10.70
C HIS C 85 -31.61 -27.75 -11.92
N ASN C 86 -32.83 -28.24 -12.15
CA ASN C 86 -33.07 -29.14 -13.28
C ASN C 86 -32.70 -28.47 -14.60
N CYS C 87 -33.00 -27.18 -14.73
CA CYS C 87 -32.76 -26.44 -15.97
C CYS C 87 -31.27 -26.26 -16.23
N TYR C 88 -30.51 -25.83 -15.21
CA TYR C 88 -29.08 -25.68 -15.40
C TYR C 88 -28.42 -27.04 -15.60
N ARG C 89 -28.92 -28.06 -14.90
CA ARG C 89 -28.49 -29.44 -15.13
C ARG C 89 -28.57 -29.77 -16.61
N TYR C 90 -29.70 -29.44 -17.23
CA TYR C 90 -29.92 -29.67 -18.65
C TYR C 90 -28.85 -28.97 -19.48
N ILE C 91 -28.56 -27.71 -19.17
CA ILE C 91 -27.59 -26.97 -19.95
C ILE C 91 -26.21 -27.59 -19.81
N ILE C 92 -25.86 -28.02 -18.60
CA ILE C 92 -24.58 -28.69 -18.43
C ILE C 92 -24.50 -29.91 -19.31
N THR C 93 -25.48 -30.80 -19.19
CA THR C 93 -25.41 -32.05 -19.94
C THR C 93 -25.42 -31.80 -21.44
N ARG C 94 -26.27 -30.90 -21.91
CA ARG C 94 -26.35 -30.64 -23.34
C ARG C 94 -25.04 -30.09 -23.88
N PHE C 95 -24.47 -29.09 -23.20
CA PHE C 95 -23.24 -28.53 -23.72
C PHE C 95 -22.08 -29.51 -23.52
N GLN C 96 -22.03 -30.20 -22.38
CA GLN C 96 -20.97 -31.18 -22.18
C GLN C 96 -21.01 -32.25 -23.26
N SER C 97 -22.20 -32.71 -23.62
CA SER C 97 -22.34 -33.79 -24.60
C SER C 97 -21.85 -33.34 -25.98
N LEU C 98 -22.25 -32.15 -26.42
CA LEU C 98 -21.62 -31.54 -27.59
C LEU C 98 -20.10 -31.63 -27.50
N ILE C 99 -19.53 -31.01 -26.48
CA ILE C 99 -18.10 -30.73 -26.43
C ILE C 99 -17.30 -32.02 -26.25
N ASN C 100 -17.78 -32.93 -25.39
CA ASN C 100 -17.12 -34.23 -25.17
C ASN C 100 -17.11 -35.07 -26.44
N VAL C 101 -17.53 -34.49 -27.56
CA VAL C 101 -17.46 -35.09 -28.90
C VAL C 101 -16.79 -34.09 -29.86
N GLN C 102 -16.36 -32.96 -29.30
CA GLN C 102 -15.75 -31.82 -30.01
C GLN C 102 -16.62 -31.30 -31.15
N ILE C 103 -17.93 -31.27 -30.95
CA ILE C 103 -18.85 -30.87 -32.03
C ILE C 103 -18.55 -29.44 -32.46
N PRO C 104 -18.72 -29.10 -33.73
CA PRO C 104 -18.36 -27.74 -34.17
C PRO C 104 -19.40 -26.69 -33.85
N GLN C 105 -20.67 -27.02 -34.09
CA GLN C 105 -21.78 -26.06 -34.15
C GLN C 105 -22.99 -26.60 -33.41
N ILE C 106 -23.86 -25.69 -33.02
CA ILE C 106 -25.23 -26.06 -32.68
C ILE C 106 -26.12 -24.84 -32.81
N THR C 107 -27.32 -25.07 -33.34
CA THR C 107 -28.46 -24.17 -33.27
C THR C 107 -29.35 -24.62 -32.12
N ILE C 108 -29.89 -23.67 -31.36
CA ILE C 108 -30.76 -24.00 -30.24
C ILE C 108 -32.04 -23.18 -30.34
N LYS C 109 -33.17 -23.84 -30.05
CA LYS C 109 -34.47 -23.21 -29.94
C LYS C 109 -34.79 -22.95 -28.48
N TYR C 110 -35.10 -21.70 -28.15
CA TYR C 110 -35.57 -21.38 -26.81
C TYR C 110 -36.72 -22.30 -26.39
N SER C 111 -37.59 -22.64 -27.34
CA SER C 111 -38.73 -23.48 -27.00
C SER C 111 -38.30 -24.90 -26.61
N GLU C 112 -37.21 -25.38 -27.22
CA GLU C 112 -36.56 -26.62 -26.84
C GLU C 112 -36.32 -26.70 -25.33
N ILE C 113 -35.53 -25.77 -24.80
CA ILE C 113 -35.22 -25.76 -23.37
C ILE C 113 -36.49 -25.63 -22.56
N ARG C 114 -37.44 -24.81 -23.02
CA ARG C 114 -38.65 -24.57 -22.25
C ARG C 114 -39.54 -25.81 -22.22
N ASN C 115 -39.69 -26.50 -23.37
CA ASN C 115 -40.43 -27.76 -23.39
C ASN C 115 -39.77 -28.79 -22.51
N PHE C 116 -38.48 -29.04 -22.75
CA PHE C 116 -37.78 -30.10 -22.05
C PHE C 116 -37.88 -29.92 -20.54
N CYS C 117 -37.59 -28.72 -20.05
CA CYS C 117 -37.63 -28.51 -18.61
C CYS C 117 -39.02 -28.19 -18.10
N LYS C 118 -40.01 -28.10 -18.98
CA LYS C 118 -41.38 -27.81 -18.57
C LYS C 118 -41.43 -26.46 -17.84
N LEU C 119 -40.75 -25.47 -18.43
CA LEU C 119 -40.73 -24.10 -17.91
C LEU C 119 -41.12 -23.19 -19.07
N PRO C 120 -42.42 -22.97 -19.27
CA PRO C 120 -42.87 -22.19 -20.43
C PRO C 120 -42.49 -20.72 -20.42
N LEU C 121 -42.17 -20.12 -19.27
CA LEU C 121 -41.94 -18.68 -19.23
C LEU C 121 -40.46 -18.29 -19.20
N LEU C 122 -39.56 -19.20 -19.54
CA LEU C 122 -38.14 -18.85 -19.51
C LEU C 122 -37.83 -17.82 -20.59
N SER C 123 -37.38 -16.65 -20.16
CA SER C 123 -36.95 -15.59 -21.07
C SER C 123 -35.71 -16.00 -21.86
N LYS C 124 -35.61 -15.44 -23.07
CA LYS C 124 -34.42 -15.66 -23.89
C LYS C 124 -33.15 -15.17 -23.20
N LYS C 125 -33.27 -14.05 -22.46
CA LYS C 125 -32.12 -13.52 -21.73
C LYS C 125 -31.65 -14.51 -20.68
N LEU C 126 -32.59 -14.99 -19.87
CA LEU C 126 -32.29 -15.97 -18.86
C LEU C 126 -31.60 -17.19 -19.44
N ILE C 127 -32.04 -17.61 -20.63
CA ILE C 127 -31.50 -18.82 -21.23
C ILE C 127 -30.09 -18.56 -21.72
N LEU C 128 -29.86 -17.40 -22.35
CA LEU C 128 -28.51 -17.10 -22.83
C LEU C 128 -27.56 -16.87 -21.66
N GLN C 129 -28.03 -16.19 -20.61
CA GLN C 129 -27.20 -15.96 -19.43
C GLN C 129 -26.73 -17.26 -18.81
N MSE C 130 -27.64 -18.19 -18.57
CA MSE C 130 -27.25 -19.47 -18.00
C MSE C 130 -26.27 -20.18 -18.91
O MSE C 130 -25.24 -20.69 -18.46
CB MSE C 130 -28.48 -20.35 -17.77
CG MSE C 130 -29.37 -19.83 -16.67
SE MSE C 130 -31.05 -20.81 -16.59
CE MSE C 130 -30.31 -22.61 -16.43
N CYS C 131 -26.57 -20.20 -20.20
CA CYS C 131 -25.65 -20.80 -21.16
C CYS C 131 -24.29 -20.12 -21.11
N LYS C 132 -24.26 -18.82 -20.83
CA LYS C 132 -22.98 -18.13 -20.71
C LYS C 132 -22.31 -18.47 -19.39
N HIS C 133 -23.08 -18.55 -18.30
CA HIS C 133 -22.53 -18.96 -17.01
C HIS C 133 -21.78 -20.28 -17.12
N PHE C 134 -22.34 -21.24 -17.87
CA PHE C 134 -21.69 -22.55 -17.96
C PHE C 134 -20.41 -22.46 -18.77
N LEU C 135 -20.46 -21.79 -19.93
CA LEU C 135 -19.30 -21.72 -20.80
C LEU C 135 -18.14 -20.95 -20.17
N ASN C 136 -18.41 -20.09 -19.19
CA ASN C 136 -17.35 -19.42 -18.45
C ASN C 136 -16.92 -20.21 -17.20
N THR C 137 -17.85 -20.90 -16.54
CA THR C 137 -17.56 -21.61 -15.31
C THR C 137 -16.97 -23.00 -15.57
N THR C 138 -17.33 -23.63 -16.68
CA THR C 138 -16.83 -24.97 -16.95
C THR C 138 -15.34 -24.94 -17.28
N HIS C 139 -14.69 -26.07 -17.07
CA HIS C 139 -13.27 -26.21 -17.29
C HIS C 139 -13.01 -27.45 -18.14
N ILE C 140 -13.88 -28.44 -17.96
CA ILE C 140 -13.71 -29.80 -18.48
C ILE C 140 -13.52 -29.78 -19.99
N GLY C 141 -12.31 -30.13 -20.43
CA GLY C 141 -12.06 -30.45 -21.82
C GLY C 141 -11.03 -29.62 -22.56
N ASN C 142 -11.13 -29.68 -23.89
CA ASN C 142 -10.22 -29.01 -24.82
C ASN C 142 -10.92 -27.87 -25.56
N LEU C 143 -11.74 -27.11 -24.84
CA LEU C 143 -12.39 -25.93 -25.39
C LEU C 143 -11.55 -24.71 -25.04
N ILE C 144 -11.41 -23.79 -25.99
CA ILE C 144 -10.52 -22.66 -25.77
C ILE C 144 -11.20 -21.34 -26.16
N ASP C 145 -12.08 -21.37 -27.17
CA ASP C 145 -12.87 -20.18 -27.47
C ASP C 145 -14.25 -20.59 -27.96
N TRP C 146 -15.23 -19.73 -27.69
CA TRP C 146 -16.62 -19.98 -28.01
C TRP C 146 -17.33 -18.66 -28.22
N TRP C 147 -18.34 -18.66 -29.10
CA TRP C 147 -19.14 -17.46 -29.32
C TRP C 147 -20.63 -17.81 -29.39
N VAL C 148 -21.44 -16.92 -28.81
CA VAL C 148 -22.89 -17.04 -28.77
C VAL C 148 -23.48 -16.14 -29.86
N ASP C 149 -24.46 -16.67 -30.60
CA ASP C 149 -24.98 -16.03 -31.82
C ASP C 149 -26.50 -15.91 -31.76
N PRO C 150 -27.03 -14.88 -31.07
CA PRO C 150 -28.49 -14.66 -31.09
C PRO C 150 -29.00 -14.21 -32.44
N THR C 151 -29.29 -15.17 -33.33
CA THR C 151 -29.88 -14.88 -34.64
C THR C 151 -31.36 -14.68 -34.95
N SER C 152 -32.20 -15.63 -34.54
CA SER C 152 -33.63 -15.61 -34.86
C SER C 152 -34.20 -15.17 -33.51
N GLU C 153 -35.44 -14.71 -33.54
CA GLU C 153 -36.20 -14.50 -32.32
C GLU C 153 -36.76 -15.82 -31.83
N GLU C 154 -36.22 -16.91 -32.35
CA GLU C 154 -36.73 -18.25 -32.12
C GLU C 154 -35.58 -19.22 -31.94
N ARG C 155 -34.39 -18.79 -32.33
CA ARG C 155 -33.22 -19.65 -32.33
C ARG C 155 -32.02 -18.86 -31.83
N TYR C 156 -30.95 -19.58 -31.50
CA TYR C 156 -29.65 -18.98 -31.27
C TYR C 156 -28.60 -20.08 -31.40
N LYS C 157 -27.41 -19.68 -31.85
CA LYS C 157 -26.33 -20.61 -32.21
C LYS C 157 -25.08 -20.34 -31.37
N VAL C 158 -24.32 -21.39 -31.10
CA VAL C 158 -22.98 -21.24 -30.51
C VAL C 158 -22.01 -22.11 -31.28
N PHE C 159 -20.79 -21.61 -31.44
CA PHE C 159 -19.74 -22.41 -32.06
C PHE C 159 -18.50 -22.40 -31.16
N PHE C 160 -17.66 -23.41 -31.35
CA PHE C 160 -16.59 -23.74 -30.40
C PHE C 160 -15.25 -23.86 -31.11
N THR C 161 -14.19 -23.39 -30.44
CA THR C 161 -12.83 -23.41 -31.00
C THR C 161 -11.91 -24.40 -30.32
N LYS D 4 -17.37 -14.16 18.51
CA LYS D 4 -16.50 -13.43 19.45
C LYS D 4 -17.32 -12.84 20.58
N LEU D 5 -18.52 -12.37 20.24
CA LEU D 5 -19.45 -11.78 21.18
C LEU D 5 -20.15 -12.87 21.98
N SER D 6 -20.60 -12.51 23.18
CA SER D 6 -21.40 -13.40 24.01
C SER D 6 -22.86 -13.28 23.63
N PRO D 7 -23.70 -14.23 24.08
CA PRO D 7 -25.15 -14.09 23.84
C PRO D 7 -25.71 -12.74 24.27
N LYS D 8 -25.42 -12.30 25.50
CA LYS D 8 -25.89 -10.99 25.96
C LYS D 8 -25.34 -9.89 25.07
N GLN D 9 -24.09 -10.01 24.64
CA GLN D 9 -23.51 -8.97 23.81
C GLN D 9 -24.17 -8.95 22.43
N MSE D 10 -24.41 -10.12 21.86
CA MSE D 10 -25.06 -10.23 20.56
C MSE D 10 -26.46 -9.59 20.57
O MSE D 10 -26.82 -8.89 19.62
CB MSE D 10 -25.16 -11.69 20.12
CG MSE D 10 -25.72 -11.84 18.73
SE MSE D 10 -24.80 -10.71 17.44
CE MSE D 10 -23.30 -11.93 17.06
N LYS D 11 -27.21 -9.82 21.64
CA LYS D 11 -28.53 -9.21 21.76
C LYS D 11 -28.44 -7.70 21.89
N ARG D 12 -27.45 -7.19 22.62
CA ARG D 12 -27.28 -5.74 22.68
C ARG D 12 -26.99 -5.17 21.31
N GLU D 13 -26.19 -5.88 20.52
CA GLU D 13 -25.90 -5.50 19.15
C GLU D 13 -27.16 -5.42 18.29
N ILE D 14 -27.98 -6.48 18.32
CA ILE D 14 -29.20 -6.49 17.52
C ILE D 14 -30.12 -5.35 17.94
N LEU D 15 -30.39 -5.23 19.25
CA LEU D 15 -31.19 -4.12 19.75
C LEU D 15 -30.71 -2.79 19.18
N GLY D 16 -29.40 -2.54 19.25
CA GLY D 16 -28.85 -1.29 18.74
C GLY D 16 -29.12 -1.09 17.26
N VAL D 17 -29.02 -2.16 16.47
CA VAL D 17 -29.32 -2.06 15.04
C VAL D 17 -30.80 -1.70 14.84
N LEU D 18 -31.69 -2.40 15.54
CA LEU D 18 -33.12 -2.09 15.47
C LEU D 18 -33.42 -0.65 15.89
N ILE D 19 -32.84 -0.21 17.00
CA ILE D 19 -33.11 1.15 17.48
C ILE D 19 -32.68 2.17 16.43
N GLU D 20 -31.51 1.95 15.83
CA GLU D 20 -31.04 2.89 14.83
C GLU D 20 -31.85 2.77 13.55
N LYS D 21 -32.21 1.56 13.14
CA LYS D 21 -33.04 1.44 11.95
C LYS D 21 -34.37 2.14 12.17
N SER D 22 -34.99 1.92 13.34
CA SER D 22 -36.33 2.42 13.60
C SER D 22 -36.40 3.94 13.60
N MSE D 23 -35.27 4.61 13.84
CA MSE D 23 -35.26 6.06 13.76
C MSE D 23 -35.28 6.59 12.31
O MSE D 23 -35.60 7.74 12.07
CB MSE D 23 -34.05 6.62 14.52
CG MSE D 23 -34.24 6.73 16.05
SE MSE D 23 -36.11 7.03 16.72
CE MSE D 23 -36.46 5.25 17.35
N GLU D 24 -34.98 5.72 11.33
CA GLU D 24 -34.96 6.12 9.93
C GLU D 24 -36.25 5.77 9.20
N SER D 25 -36.78 4.59 9.46
CA SER D 25 -38.05 4.14 8.93
C SER D 25 -38.67 3.23 9.97
N LYS D 26 -39.99 3.05 9.89
CA LYS D 26 -40.64 2.22 10.89
C LYS D 26 -40.81 0.77 10.46
N VAL D 27 -40.60 0.46 9.19
CA VAL D 27 -40.68 -0.91 8.70
C VAL D 27 -39.39 -1.28 8.01
N CYS D 28 -38.99 -2.53 8.15
CA CYS D 28 -37.85 -3.10 7.42
C CYS D 28 -38.03 -4.61 7.33
N LYS D 29 -37.43 -5.20 6.31
CA LYS D 29 -37.49 -6.64 6.12
C LYS D 29 -36.76 -7.35 7.25
N ILE D 30 -37.28 -8.53 7.61
CA ILE D 30 -36.77 -9.27 8.75
C ILE D 30 -35.29 -9.59 8.58
N TYR D 31 -34.86 -9.85 7.35
CA TYR D 31 -33.48 -10.29 7.19
C TYR D 31 -32.51 -9.12 7.11
N GLU D 32 -32.99 -7.90 6.98
CA GLU D 32 -32.09 -6.76 6.85
C GLU D 32 -31.14 -6.62 8.02
N PRO D 33 -31.57 -6.63 9.29
CA PRO D 33 -30.58 -6.50 10.37
C PRO D 33 -29.68 -7.72 10.49
N LEU D 34 -30.21 -8.92 10.20
CA LEU D 34 -29.38 -10.12 10.14
C LEU D 34 -28.27 -9.97 9.11
N LEU D 35 -28.59 -9.38 7.95
CA LEU D 35 -27.59 -9.16 6.91
C LEU D 35 -26.52 -8.18 7.36
N SER D 36 -26.94 -7.00 7.82
CA SER D 36 -25.98 -5.94 8.10
C SER D 36 -25.04 -6.33 9.24
N ILE D 37 -25.55 -7.06 10.24
CA ILE D 37 -24.67 -7.54 11.29
C ILE D 37 -23.64 -8.52 10.72
N ASN D 38 -24.08 -9.41 9.84
CA ASN D 38 -23.19 -10.40 9.27
C ASN D 38 -22.27 -9.82 8.20
N LEU D 39 -22.38 -8.55 7.87
CA LEU D 39 -21.52 -7.93 6.88
C LEU D 39 -20.69 -6.77 7.41
N GLY D 40 -21.21 -6.00 8.36
CA GLY D 40 -20.47 -4.88 8.92
C GLY D 40 -19.85 -5.24 10.27
N PRO D 52 -20.83 -16.75 8.78
CA PRO D 52 -21.63 -17.29 9.89
C PRO D 52 -21.22 -16.72 11.26
N VAL D 53 -21.78 -15.59 11.65
CA VAL D 53 -21.50 -14.95 12.94
C VAL D 53 -22.76 -14.80 13.77
N LEU D 54 -23.82 -14.33 13.14
CA LEU D 54 -25.15 -14.37 13.71
C LEU D 54 -25.96 -15.35 12.88
N HIS D 55 -26.47 -16.39 13.53
CA HIS D 55 -27.29 -17.40 12.90
C HIS D 55 -28.77 -17.02 12.95
N LEU D 56 -29.56 -17.63 12.06
CA LEU D 56 -30.98 -17.30 11.98
C LEU D 56 -31.70 -17.65 13.28
N LYS D 57 -31.38 -18.81 13.84
CA LYS D 57 -32.10 -19.31 15.01
C LYS D 57 -31.94 -18.36 16.19
N PHE D 58 -30.70 -17.97 16.47
CA PHE D 58 -30.45 -16.98 17.53
C PHE D 58 -31.18 -15.68 17.24
N TYR D 59 -30.96 -15.11 16.06
CA TYR D 59 -31.66 -13.92 15.60
C TYR D 59 -33.16 -13.99 15.85
N GLU D 60 -33.82 -15.06 15.38
CA GLU D 60 -35.27 -15.16 15.54
C GLU D 60 -35.69 -15.25 17.01
N THR D 61 -34.89 -15.93 17.82
CA THR D 61 -35.24 -16.07 19.24
C THR D 61 -35.29 -14.72 19.93
N PHE D 62 -34.37 -13.82 19.59
CA PHE D 62 -34.41 -12.49 20.18
C PHE D 62 -35.54 -11.66 19.60
N LEU D 63 -35.71 -11.68 18.27
CA LEU D 63 -36.83 -10.99 17.65
C LEU D 63 -38.13 -11.37 18.31
N ALA D 64 -38.32 -12.68 18.53
CA ALA D 64 -39.55 -13.15 19.14
C ALA D 64 -39.70 -12.61 20.57
N GLN D 65 -38.62 -12.64 21.37
CA GLN D 65 -38.69 -12.03 22.70
C GLN D 65 -39.13 -10.58 22.62
N LEU D 66 -38.50 -9.81 21.74
CA LEU D 66 -38.88 -8.42 21.58
C LEU D 66 -40.35 -8.30 21.18
N ALA D 67 -40.80 -9.18 20.30
CA ALA D 67 -42.20 -9.15 19.86
C ALA D 67 -43.14 -9.51 20.99
N GLU D 68 -42.72 -10.45 21.85
CA GLU D 68 -43.58 -10.78 22.98
C GLU D 68 -43.79 -9.57 23.87
N MSE D 69 -42.83 -8.65 23.87
CA MSE D 69 -42.99 -7.45 24.64
C MSE D 69 -43.70 -6.35 23.85
O MSE D 69 -43.90 -5.27 24.36
CB MSE D 69 -41.63 -6.97 25.13
CG MSE D 69 -41.01 -7.92 26.14
SE MSE D 69 -39.20 -7.42 26.71
CE MSE D 69 -38.12 -8.20 25.28
N ALA D 70 -44.10 -6.65 22.61
CA ALA D 70 -44.80 -5.71 21.74
C ALA D 70 -44.00 -4.45 21.42
N ILE D 71 -42.71 -4.40 21.75
CA ILE D 71 -41.88 -3.29 21.30
C ILE D 71 -41.65 -3.35 19.79
N ILE D 72 -41.78 -4.52 19.17
CA ILE D 72 -41.87 -4.66 17.72
C ILE D 72 -42.98 -5.67 17.44
N THR D 73 -43.35 -5.75 16.17
CA THR D 73 -44.24 -6.80 15.68
C THR D 73 -43.63 -7.35 14.41
N LEU D 74 -43.79 -8.65 14.22
CA LEU D 74 -43.24 -9.36 13.08
C LEU D 74 -44.39 -9.79 12.17
N ASP D 75 -44.24 -9.51 10.91
CA ASP D 75 -45.19 -9.93 9.89
C ASP D 75 -44.60 -11.16 9.21
N SER D 76 -45.04 -11.43 7.99
CA SER D 76 -44.50 -12.60 7.32
C SER D 76 -43.08 -12.35 6.83
N PHE D 77 -42.73 -11.10 6.58
CA PHE D 77 -41.38 -10.81 6.11
C PHE D 77 -40.88 -9.43 6.52
N THR D 78 -41.60 -8.69 7.38
CA THR D 78 -41.15 -7.36 7.78
C THR D 78 -41.23 -7.22 9.29
N ILE D 79 -40.34 -6.39 9.82
CA ILE D 79 -40.41 -5.96 11.21
C ILE D 79 -41.06 -4.59 11.23
N ASN D 80 -42.05 -4.41 12.09
CA ASN D 80 -42.67 -3.10 12.32
C ASN D 80 -42.11 -2.53 13.61
N MSE D 81 -41.35 -1.46 13.51
CA MSE D 81 -40.65 -0.94 14.67
C MSE D 81 -41.27 0.38 15.17
O MSE D 81 -40.59 1.23 15.73
CB MSE D 81 -39.18 -0.74 14.35
CG MSE D 81 -38.74 -1.24 12.98
SE MSE D 81 -36.79 -1.50 12.88
CE MSE D 81 -36.73 -2.39 14.59
N THR D 82 -42.58 0.49 14.95
CA THR D 82 -43.33 1.67 15.39
C THR D 82 -43.22 1.90 16.89
N ASN D 83 -43.65 0.92 17.69
CA ASN D 83 -43.49 1.04 19.13
C ASN D 83 -42.03 1.23 19.53
N LEU D 84 -41.12 0.52 18.90
CA LEU D 84 -39.72 0.77 19.21
C LEU D 84 -39.37 2.22 18.91
N HIS D 85 -39.92 2.76 17.84
CA HIS D 85 -39.63 4.14 17.47
C HIS D 85 -40.13 5.12 18.53
N ASN D 86 -41.41 5.04 18.90
CA ASN D 86 -41.97 6.02 19.82
C ASN D 86 -41.35 5.91 21.19
N CYS D 87 -40.99 4.69 21.57
CA CYS D 87 -40.41 4.48 22.87
C CYS D 87 -39.01 5.09 22.94
N TYR D 88 -38.18 4.82 21.93
CA TYR D 88 -36.89 5.47 21.87
C TYR D 88 -37.05 6.99 21.74
N ARG D 89 -38.06 7.43 20.98
CA ARG D 89 -38.40 8.86 20.92
C ARG D 89 -38.56 9.43 22.32
N TYR D 90 -39.32 8.73 23.15
CA TYR D 90 -39.56 9.16 24.52
C TYR D 90 -38.27 9.23 25.31
N ILE D 91 -37.44 8.21 25.17
CA ILE D 91 -36.17 8.20 25.87
C ILE D 91 -35.32 9.40 25.46
N ILE D 92 -35.34 9.77 24.19
CA ILE D 92 -34.54 10.92 23.76
C ILE D 92 -35.03 12.21 24.43
N THR D 93 -36.33 12.48 24.34
CA THR D 93 -36.88 13.66 24.98
C THR D 93 -36.52 13.72 26.46
N ARG D 94 -36.79 12.63 27.19
CA ARG D 94 -36.56 12.62 28.63
C ARG D 94 -35.08 12.81 28.96
N PHE D 95 -34.21 11.96 28.39
CA PHE D 95 -32.82 12.01 28.79
C PHE D 95 -32.05 13.18 28.18
N GLN D 96 -32.34 13.58 26.94
CA GLN D 96 -31.59 14.70 26.38
C GLN D 96 -31.82 15.98 27.19
N SER D 97 -33.06 16.21 27.57
CA SER D 97 -33.36 17.35 28.44
C SER D 97 -32.57 17.28 29.74
N LEU D 98 -32.37 16.08 30.29
CA LEU D 98 -31.57 15.98 31.52
C LEU D 98 -30.10 16.30 31.28
N ILE D 99 -29.56 15.90 30.13
CA ILE D 99 -28.17 16.21 29.78
C ILE D 99 -28.00 17.71 29.59
N ASN D 100 -28.86 18.31 28.76
CA ASN D 100 -28.83 19.73 28.46
C ASN D 100 -28.59 20.60 29.69
N VAL D 101 -29.28 20.27 30.77
CA VAL D 101 -29.24 21.06 31.98
C VAL D 101 -28.27 20.47 32.99
N GLN D 102 -27.58 19.40 32.61
CA GLN D 102 -26.46 18.83 33.36
C GLN D 102 -26.85 18.44 34.79
N ILE D 103 -27.95 17.72 34.92
CA ILE D 103 -28.28 17.17 36.25
C ILE D 103 -27.27 16.08 36.58
N PRO D 104 -26.90 15.90 37.84
CA PRO D 104 -25.87 14.92 38.20
C PRO D 104 -26.38 13.49 38.19
N GLN D 105 -27.64 13.30 38.57
CA GLN D 105 -28.20 11.96 38.64
C GLN D 105 -29.71 12.05 38.55
N ILE D 106 -30.31 10.94 38.12
CA ILE D 106 -31.75 10.79 38.04
C ILE D 106 -32.14 9.39 38.54
N THR D 107 -33.22 9.32 39.29
CA THR D 107 -33.84 8.06 39.69
C THR D 107 -35.09 7.84 38.83
N ILE D 108 -35.29 6.62 38.33
CA ILE D 108 -36.40 6.35 37.44
C ILE D 108 -37.07 5.02 37.82
N LYS D 109 -38.40 5.06 37.94
CA LYS D 109 -39.19 3.84 38.05
C LYS D 109 -39.36 3.22 36.68
N TYR D 110 -39.10 1.91 36.60
CA TYR D 110 -39.41 1.15 35.40
C TYR D 110 -40.86 1.33 34.99
N SER D 111 -41.76 1.34 35.97
CA SER D 111 -43.17 1.54 35.66
C SER D 111 -43.40 2.88 34.97
N GLU D 112 -42.57 3.89 35.25
CA GLU D 112 -42.69 5.14 34.52
C GLU D 112 -42.53 4.91 33.03
N ILE D 113 -41.41 4.31 32.63
CA ILE D 113 -41.16 4.04 31.22
C ILE D 113 -42.31 3.21 30.62
N ARG D 114 -42.74 2.17 31.33
CA ARG D 114 -43.72 1.25 30.76
C ARG D 114 -45.05 1.96 30.51
N ASN D 115 -45.46 2.82 31.43
CA ASN D 115 -46.71 3.56 31.29
C ASN D 115 -46.65 4.53 30.12
N PHE D 116 -45.68 5.45 30.14
CA PHE D 116 -45.58 6.45 29.08
C PHE D 116 -45.52 5.80 27.71
N CYS D 117 -44.78 4.71 27.59
CA CYS D 117 -44.62 4.04 26.31
C CYS D 117 -45.80 3.14 25.96
N LYS D 118 -46.77 3.00 26.86
CA LYS D 118 -47.92 2.15 26.62
C LYS D 118 -47.46 0.73 26.27
N LEU D 119 -46.61 0.20 27.15
CA LEU D 119 -45.89 -1.04 26.89
C LEU D 119 -45.67 -1.73 28.22
N PRO D 120 -46.70 -2.41 28.75
CA PRO D 120 -46.60 -2.98 30.10
C PRO D 120 -45.62 -4.14 30.20
N LEU D 121 -45.23 -4.78 29.11
CA LEU D 121 -44.41 -5.97 29.19
C LEU D 121 -42.91 -5.67 29.03
N LEU D 122 -42.51 -4.42 28.97
CA LEU D 122 -41.09 -4.14 28.76
C LEU D 122 -40.31 -4.69 29.93
N SER D 123 -39.28 -5.46 29.63
CA SER D 123 -38.42 -6.04 30.67
C SER D 123 -37.52 -4.96 31.25
N LYS D 124 -37.13 -5.16 32.51
CA LYS D 124 -36.05 -4.36 33.10
C LYS D 124 -34.86 -4.21 32.15
N LYS D 125 -34.38 -5.33 31.60
CA LYS D 125 -33.16 -5.35 30.79
C LYS D 125 -33.31 -4.48 29.54
N LEU D 126 -34.45 -4.61 28.87
CA LEU D 126 -34.65 -3.87 27.63
C LEU D 126 -34.73 -2.37 27.87
N ILE D 127 -35.35 -1.95 28.99
CA ILE D 127 -35.39 -0.52 29.32
C ILE D 127 -33.98 0.00 29.60
N LEU D 128 -33.22 -0.74 30.42
CA LEU D 128 -31.85 -0.36 30.71
C LEU D 128 -31.02 -0.31 29.46
N GLN D 129 -31.15 -1.31 28.60
CA GLN D 129 -30.28 -1.34 27.43
C GLN D 129 -30.60 -0.18 26.48
N MSE D 130 -31.87 0.15 26.34
CA MSE D 130 -32.26 1.27 25.51
C MSE D 130 -31.72 2.58 26.04
O MSE D 130 -31.25 3.40 25.27
CB MSE D 130 -33.77 1.34 25.39
CG MSE D 130 -34.33 0.29 24.48
SE MSE D 130 -36.23 0.51 24.25
CE MSE D 130 -36.23 2.24 23.36
N CYS D 131 -31.84 2.78 27.35
CA CYS D 131 -31.22 3.97 27.94
C CYS D 131 -29.73 3.96 27.67
N LYS D 132 -29.06 2.82 27.85
CA LYS D 132 -27.63 2.78 27.66
C LYS D 132 -27.28 3.15 26.22
N HIS D 133 -28.07 2.65 25.27
CA HIS D 133 -27.83 2.96 23.87
C HIS D 133 -27.89 4.46 23.62
N PHE D 134 -28.93 5.12 24.15
CA PHE D 134 -29.05 6.55 23.98
C PHE D 134 -27.85 7.27 24.55
N LEU D 135 -27.44 6.89 25.77
CA LEU D 135 -26.33 7.56 26.42
C LEU D 135 -25.03 7.42 25.64
N ASN D 136 -24.89 6.37 24.83
CA ASN D 136 -23.70 6.19 24.02
C ASN D 136 -23.82 6.77 22.61
N THR D 137 -24.98 7.30 22.23
CA THR D 137 -25.22 7.75 20.86
C THR D 137 -25.47 9.25 20.72
N THR D 138 -26.13 9.90 21.68
CA THR D 138 -26.35 11.34 21.57
C THR D 138 -25.04 12.12 21.39
N HIS D 139 -25.08 13.13 20.52
CA HIS D 139 -23.96 14.06 20.35
C HIS D 139 -24.20 15.38 21.04
N ILE D 140 -25.35 15.56 21.69
CA ILE D 140 -25.82 16.85 22.14
C ILE D 140 -25.57 16.98 23.64
N GLY D 141 -24.92 18.06 24.03
CA GLY D 141 -24.55 18.32 25.41
C GLY D 141 -23.09 18.00 25.67
N ASN D 142 -22.72 18.08 26.94
CA ASN D 142 -21.34 17.80 27.30
C ASN D 142 -21.23 16.54 28.16
N LEU D 143 -21.99 15.52 27.79
CA LEU D 143 -21.92 14.27 28.55
C LEU D 143 -20.67 13.50 28.11
N ILE D 144 -19.79 13.21 29.07
CA ILE D 144 -18.58 12.46 28.79
C ILE D 144 -18.55 11.10 29.45
N ASP D 145 -19.35 10.88 30.49
CA ASP D 145 -19.32 9.62 31.19
C ASP D 145 -20.65 9.47 31.90
N TRP D 146 -21.02 8.23 32.17
CA TRP D 146 -22.31 7.94 32.79
C TRP D 146 -22.29 6.52 33.33
N TRP D 147 -23.22 6.26 34.25
CA TRP D 147 -23.32 4.97 34.88
C TRP D 147 -24.77 4.65 35.23
N VAL D 148 -25.15 3.39 35.02
CA VAL D 148 -26.50 2.91 35.31
C VAL D 148 -26.43 2.00 36.51
N ASP D 149 -27.25 2.28 37.50
CA ASP D 149 -27.28 1.53 38.75
C ASP D 149 -28.68 0.95 38.98
N PRO D 150 -28.90 -0.36 38.80
CA PRO D 150 -30.22 -0.92 39.12
C PRO D 150 -30.42 -1.06 40.60
N THR D 151 -31.03 -0.07 41.24
CA THR D 151 -31.18 -0.10 42.70
C THR D 151 -32.28 -1.07 43.10
N SER D 152 -33.55 -0.69 42.95
CA SER D 152 -34.66 -1.54 43.33
C SER D 152 -34.99 -2.52 42.20
N GLU D 153 -35.99 -3.36 42.45
CA GLU D 153 -36.79 -3.95 41.38
C GLU D 153 -37.78 -2.96 40.79
N GLU D 154 -38.02 -1.85 41.47
CA GLU D 154 -38.85 -0.80 40.93
C GLU D 154 -38.05 0.34 40.32
N ARG D 155 -36.81 0.54 40.74
CA ARG D 155 -36.11 1.76 40.38
C ARG D 155 -34.71 1.46 39.90
N TYR D 156 -34.23 2.30 38.99
CA TYR D 156 -32.83 2.35 38.64
C TYR D 156 -32.38 3.81 38.67
N LYS D 157 -31.07 3.99 38.76
CA LYS D 157 -30.46 5.31 38.83
C LYS D 157 -29.51 5.48 37.66
N VAL D 158 -29.42 6.70 37.16
CA VAL D 158 -28.42 7.07 36.17
C VAL D 158 -27.63 8.25 36.72
N PHE D 159 -26.32 8.11 36.72
CA PHE D 159 -25.37 9.12 37.16
C PHE D 159 -24.68 9.70 35.94
N PHE D 160 -24.55 11.01 35.91
CA PHE D 160 -24.01 11.71 34.75
C PHE D 160 -22.75 12.50 35.12
N THR D 161 -21.79 12.49 34.21
CA THR D 161 -20.57 13.27 34.38
C THR D 161 -20.35 14.09 33.12
N TYR D 162 -20.08 15.38 33.32
CA TYR D 162 -19.98 16.32 32.21
C TYR D 162 -18.59 16.94 32.17
N SER D 163 -18.12 17.19 30.97
CA SER D 163 -16.85 17.88 30.74
C SER D 163 -17.12 19.33 30.45
N LYS D 164 -16.45 20.21 31.20
CA LYS D 164 -16.00 21.54 30.72
C LYS D 164 -15.56 22.39 31.87
N SER E 6 -3.12 11.19 24.79
CA SER E 6 -3.48 12.57 25.15
C SER E 6 -2.74 13.02 26.41
N PRO E 7 -2.56 14.35 26.58
CA PRO E 7 -1.83 14.85 27.76
C PRO E 7 -2.39 14.40 29.10
N LYS E 8 -3.71 14.49 29.31
CA LYS E 8 -4.30 13.95 30.52
C LYS E 8 -3.95 12.47 30.67
N GLN E 9 -4.06 11.73 29.58
CA GLN E 9 -3.85 10.29 29.66
C GLN E 9 -2.40 9.96 29.95
N MSE E 10 -1.47 10.79 29.48
CA MSE E 10 -0.04 10.52 29.61
C MSE E 10 0.41 10.77 31.05
O MSE E 10 1.18 9.98 31.63
CB MSE E 10 0.77 11.38 28.63
CG MSE E 10 2.31 11.30 28.79
SE MSE E 10 3.14 9.51 28.55
CE MSE E 10 3.17 9.41 26.59
N LYS E 11 -0.07 11.87 31.62
CA LYS E 11 0.02 12.06 33.06
C LYS E 11 -0.47 10.84 33.82
N ARG E 12 -1.63 10.28 33.45
CA ARG E 12 -2.09 9.11 34.19
C ARG E 12 -1.14 7.93 34.00
N GLU E 13 -0.58 7.79 32.81
CA GLU E 13 0.37 6.72 32.56
C GLU E 13 1.61 6.89 33.44
N ILE E 14 2.17 8.10 33.46
CA ILE E 14 3.31 8.38 34.32
C ILE E 14 2.94 8.11 35.78
N LEU E 15 1.73 8.55 36.20
CA LEU E 15 1.30 8.29 37.57
C LEU E 15 1.36 6.81 37.88
N GLY E 16 0.75 5.98 37.03
CA GLY E 16 0.70 4.55 37.32
C GLY E 16 2.07 3.92 37.35
N VAL E 17 2.95 4.36 36.45
CA VAL E 17 4.32 3.86 36.46
C VAL E 17 4.98 4.18 37.79
N LEU E 18 4.77 5.40 38.30
CA LEU E 18 5.42 5.78 39.54
C LEU E 18 4.79 5.07 40.74
N ILE E 19 3.47 4.87 40.70
CA ILE E 19 2.82 4.09 41.76
C ILE E 19 3.43 2.69 41.81
N GLU E 20 3.51 2.03 40.65
CA GLU E 20 4.05 0.68 40.62
C GLU E 20 5.51 0.65 41.04
N LYS E 21 6.31 1.62 40.59
CA LYS E 21 7.69 1.67 41.04
C LYS E 21 7.77 1.85 42.56
N SER E 22 6.89 2.69 43.13
CA SER E 22 6.98 2.95 44.56
C SER E 22 6.59 1.74 45.42
N MSE E 23 5.95 0.74 44.83
CA MSE E 23 5.73 -0.53 45.55
C MSE E 23 7.01 -1.36 45.69
O MSE E 23 7.21 -2.00 46.72
CB MSE E 23 4.67 -1.33 44.83
CG MSE E 23 3.42 -0.53 44.61
SE MSE E 23 2.58 -0.20 46.31
CE MSE E 23 1.26 -1.64 46.17
N GLU E 24 7.84 -1.36 44.64
CA GLU E 24 9.07 -2.16 44.60
C GLU E 24 10.17 -1.51 45.45
N SER E 25 10.46 -0.25 45.17
CA SER E 25 11.48 0.50 45.89
C SER E 25 10.98 1.93 46.07
N LYS E 26 11.26 2.52 47.21
CA LYS E 26 10.78 3.89 47.43
C LYS E 26 11.68 4.96 46.81
N VAL E 27 12.79 4.59 46.19
CA VAL E 27 13.65 5.54 45.49
C VAL E 27 14.05 4.95 44.16
N CYS E 28 14.08 5.79 43.13
CA CYS E 28 14.53 5.40 41.80
C CYS E 28 15.23 6.60 41.16
N LYS E 29 15.99 6.34 40.09
CA LYS E 29 16.66 7.43 39.38
C LYS E 29 15.65 8.23 38.56
N ILE E 30 15.90 9.54 38.41
CA ILE E 30 14.91 10.43 37.82
C ILE E 30 14.56 10.02 36.40
N TYR E 31 15.56 9.60 35.62
CA TYR E 31 15.33 9.30 34.21
C TYR E 31 14.70 7.92 33.99
N GLU E 32 14.77 7.04 34.97
CA GLU E 32 14.30 5.65 34.81
C GLU E 32 12.86 5.56 34.33
N PRO E 33 11.88 6.28 34.91
CA PRO E 33 10.52 6.24 34.33
C PRO E 33 10.42 6.85 32.94
N LEU E 34 11.15 7.93 32.70
CA LEU E 34 11.20 8.50 31.35
C LEU E 34 11.71 7.47 30.35
N LEU E 35 12.78 6.77 30.70
CA LEU E 35 13.38 5.81 29.79
C LEU E 35 12.46 4.63 29.54
N SER E 36 11.78 4.13 30.58
CA SER E 36 10.99 2.92 30.39
C SER E 36 9.67 3.21 29.69
N ILE E 37 9.15 4.43 29.80
CA ILE E 37 7.92 4.77 29.09
C ILE E 37 8.20 4.92 27.60
N ASN E 38 9.36 5.49 27.24
CA ASN E 38 9.72 5.65 25.83
C ASN E 38 10.17 4.35 25.17
N LEU E 39 10.52 3.32 25.94
CA LEU E 39 10.66 1.96 25.40
C LEU E 39 9.45 1.05 25.16
N GLY E 40 8.76 0.67 26.24
CA GLY E 40 7.64 -0.25 26.17
C GLY E 40 6.42 0.55 26.60
N PRO E 52 10.27 9.50 20.47
CA PRO E 52 9.61 10.76 20.82
C PRO E 52 8.31 10.54 21.58
N VAL E 53 8.18 9.39 22.25
CA VAL E 53 6.89 8.99 22.84
C VAL E 53 6.47 9.99 23.91
N LEU E 54 7.28 10.12 24.94
CA LEU E 54 7.10 11.09 26.01
C LEU E 54 8.25 12.09 25.92
N HIS E 55 7.94 13.37 25.70
CA HIS E 55 8.97 14.38 25.54
C HIS E 55 9.50 14.84 26.89
N LEU E 56 10.78 15.25 26.89
CA LEU E 56 11.48 15.52 28.13
C LEU E 56 10.81 16.65 28.92
N LYS E 57 10.41 17.72 28.24
CA LYS E 57 9.86 18.88 28.94
C LYS E 57 8.54 18.54 29.63
N PHE E 58 7.76 17.64 29.03
CA PHE E 58 6.47 17.24 29.60
C PHE E 58 6.66 16.35 30.82
N TYR E 59 7.63 15.45 30.77
CA TYR E 59 7.98 14.64 31.92
C TYR E 59 8.51 15.51 33.06
N GLU E 60 9.42 16.44 32.74
CA GLU E 60 9.92 17.38 33.74
C GLU E 60 8.79 18.12 34.43
N THR E 61 7.80 18.55 33.64
CA THR E 61 6.76 19.40 34.17
C THR E 61 5.85 18.61 35.11
N PHE E 62 5.37 17.45 34.66
CA PHE E 62 4.53 16.64 35.52
C PHE E 62 5.28 16.27 36.80
N LEU E 63 6.56 15.93 36.67
CA LEU E 63 7.37 15.62 37.83
C LEU E 63 7.36 16.77 38.83
N ALA E 64 7.43 18.01 38.31
CA ALA E 64 7.42 19.19 39.18
C ALA E 64 6.07 19.35 39.86
N GLN E 65 4.98 19.21 39.10
CA GLN E 65 3.65 19.30 39.70
C GLN E 65 3.47 18.26 40.80
N LEU E 66 4.07 17.08 40.64
CA LEU E 66 3.99 16.07 41.69
C LEU E 66 4.78 16.52 42.92
N ALA E 67 5.98 17.06 42.70
CA ALA E 67 6.76 17.59 43.81
C ALA E 67 6.07 18.80 44.45
N GLU E 68 5.40 19.63 43.65
CA GLU E 68 4.67 20.75 44.23
C GLU E 68 3.57 20.28 45.15
N MSE E 69 3.05 19.09 44.92
CA MSE E 69 2.06 18.49 45.82
C MSE E 69 2.71 17.77 46.99
O MSE E 69 1.99 17.25 47.85
CB MSE E 69 1.19 17.51 45.08
CG MSE E 69 0.35 18.13 44.05
SE MSE E 69 -0.63 16.80 43.02
CE MSE E 69 -1.10 18.01 41.57
N ALA E 70 4.04 17.71 46.98
CA ALA E 70 4.81 17.01 48.01
C ALA E 70 4.57 15.51 48.00
N ILE E 71 4.06 14.93 46.91
CA ILE E 71 3.79 13.50 46.95
C ILE E 71 5.00 12.70 46.47
N ILE E 72 5.94 13.34 45.76
CA ILE E 72 7.30 12.86 45.57
C ILE E 72 8.24 14.01 45.90
N THR E 73 9.52 13.66 46.11
CA THR E 73 10.57 14.66 46.21
C THR E 73 11.67 14.35 45.21
N LEU E 74 12.27 15.43 44.66
CA LEU E 74 13.20 15.33 43.54
C LEU E 74 14.58 15.81 43.93
N ASP E 75 15.57 15.09 43.44
CA ASP E 75 16.99 15.35 43.52
C ASP E 75 17.43 15.84 42.14
N SER E 76 18.74 15.89 41.92
CA SER E 76 19.17 15.78 40.54
C SER E 76 19.51 14.34 40.16
N PHE E 77 19.46 13.42 41.14
CA PHE E 77 19.75 12.01 40.93
C PHE E 77 18.53 11.12 41.07
N THR E 78 17.58 11.46 41.94
CA THR E 78 16.58 10.48 42.32
C THR E 78 15.19 11.11 42.45
N ILE E 79 14.19 10.24 42.33
CA ILE E 79 12.84 10.50 42.78
C ILE E 79 12.66 9.76 44.10
N ASN E 80 12.27 10.47 45.16
CA ASN E 80 11.83 9.82 46.39
C ASN E 80 10.30 9.73 46.34
N MSE E 81 9.79 8.50 46.29
CA MSE E 81 8.37 8.26 46.16
C MSE E 81 7.78 7.72 47.46
O MSE E 81 6.74 7.08 47.47
CB MSE E 81 8.07 7.32 45.00
CG MSE E 81 9.26 6.59 44.42
SE MSE E 81 8.81 5.96 42.62
CE MSE E 81 7.93 7.60 42.09
N THR E 82 8.47 8.02 48.55
CA THR E 82 7.99 7.61 49.87
C THR E 82 6.59 8.11 50.14
N ASN E 83 6.35 9.41 49.93
CA ASN E 83 5.02 9.93 50.22
C ASN E 83 3.97 9.32 49.30
N LEU E 84 4.34 9.10 48.04
CA LEU E 84 3.44 8.44 47.09
C LEU E 84 3.13 7.03 47.56
N HIS E 85 4.16 6.28 47.97
CA HIS E 85 3.95 4.95 48.51
C HIS E 85 2.94 4.96 49.66
N ASN E 86 3.14 5.86 50.65
CA ASN E 86 2.29 5.83 51.84
C ASN E 86 0.90 6.36 51.55
N CYS E 87 0.80 7.33 50.65
CA CYS E 87 -0.53 7.77 50.21
C CYS E 87 -1.28 6.63 49.51
N TYR E 88 -0.59 5.92 48.59
CA TYR E 88 -1.24 4.79 47.92
C TYR E 88 -1.62 3.70 48.91
N ARG E 89 -0.77 3.47 49.92
CA ARG E 89 -1.12 2.51 50.97
C ARG E 89 -2.45 2.88 51.59
N TYR E 90 -2.65 4.17 51.86
CA TYR E 90 -3.88 4.62 52.46
C TYR E 90 -5.07 4.24 51.57
N ILE E 91 -4.93 4.46 50.26
CA ILE E 91 -6.00 4.19 49.31
C ILE E 91 -6.27 2.70 49.20
N ILE E 92 -5.21 1.88 49.17
CA ILE E 92 -5.38 0.44 49.16
C ILE E 92 -6.27 0.01 50.31
N THR E 93 -5.93 0.46 51.53
CA THR E 93 -6.65 -0.04 52.70
C THR E 93 -8.05 0.53 52.76
N ARG E 94 -8.21 1.80 52.40
CA ARG E 94 -9.52 2.41 52.38
C ARG E 94 -10.51 1.54 51.59
N PHE E 95 -10.16 1.22 50.35
CA PHE E 95 -11.06 0.49 49.47
C PHE E 95 -11.11 -1.00 49.80
N GLN E 96 -9.97 -1.61 50.14
CA GLN E 96 -10.01 -3.00 50.63
C GLN E 96 -11.00 -3.15 51.78
N SER E 97 -11.00 -2.22 52.74
CA SER E 97 -11.91 -2.30 53.88
C SER E 97 -13.36 -2.14 53.47
N LEU E 98 -13.63 -1.26 52.48
CA LEU E 98 -14.99 -1.10 51.96
C LEU E 98 -15.47 -2.36 51.25
N ILE E 99 -14.62 -2.91 50.38
CA ILE E 99 -14.94 -4.13 49.65
C ILE E 99 -15.11 -5.30 50.59
N ASN E 100 -14.32 -5.37 51.67
CA ASN E 100 -14.42 -6.48 52.62
C ASN E 100 -15.65 -6.40 53.51
N VAL E 101 -16.39 -5.31 53.45
CA VAL E 101 -17.73 -5.20 54.03
C VAL E 101 -18.79 -5.10 52.95
N GLN E 102 -18.40 -5.13 51.69
CA GLN E 102 -19.30 -5.07 50.54
C GLN E 102 -20.27 -3.88 50.63
N ILE E 103 -19.71 -2.73 50.97
CA ILE E 103 -20.40 -1.45 50.82
C ILE E 103 -20.83 -1.26 49.37
N PRO E 104 -22.00 -0.73 49.08
CA PRO E 104 -22.36 -0.51 47.67
C PRO E 104 -21.94 0.86 47.16
N GLN E 105 -21.86 1.86 48.04
CA GLN E 105 -21.39 3.16 47.60
C GLN E 105 -20.81 3.90 48.80
N ILE E 106 -19.91 4.84 48.52
CA ILE E 106 -19.23 5.60 49.57
C ILE E 106 -19.04 7.03 49.09
N THR E 107 -19.01 7.96 50.05
CA THR E 107 -18.72 9.35 49.78
C THR E 107 -17.48 9.78 50.54
N ILE E 108 -16.50 10.28 49.83
CA ILE E 108 -15.18 10.62 50.38
C ILE E 108 -14.94 12.11 50.15
N LYS E 109 -14.52 12.80 51.21
CA LYS E 109 -14.01 14.15 51.07
C LYS E 109 -12.54 14.11 50.68
N TYR E 110 -12.18 14.80 49.59
CA TYR E 110 -10.77 14.97 49.24
C TYR E 110 -9.93 15.35 50.45
N SER E 111 -10.42 16.30 51.26
CA SER E 111 -9.64 16.75 52.40
C SER E 111 -9.35 15.63 53.40
N GLU E 112 -10.05 14.50 53.33
CA GLU E 112 -9.72 13.37 54.20
C GLU E 112 -8.34 12.82 53.86
N ILE E 113 -8.13 12.47 52.58
CA ILE E 113 -6.85 11.97 52.12
C ILE E 113 -5.76 13.02 52.33
N ARG E 114 -6.07 14.28 52.00
CA ARG E 114 -5.11 15.34 52.21
C ARG E 114 -4.69 15.43 53.68
N ASN E 115 -5.65 15.40 54.62
CA ASN E 115 -5.32 15.46 56.06
C ASN E 115 -4.55 14.24 56.55
N PHE E 116 -4.92 13.03 56.12
CA PHE E 116 -4.29 11.84 56.68
C PHE E 116 -2.86 11.69 56.20
N CYS E 117 -2.58 12.09 54.96
CA CYS E 117 -1.25 11.95 54.39
C CYS E 117 -0.41 13.19 54.57
N LYS E 118 -0.96 14.21 55.22
CA LYS E 118 -0.30 15.50 55.38
C LYS E 118 0.17 16.05 54.03
N LEU E 119 -0.78 16.13 53.08
CA LEU E 119 -0.52 16.55 51.71
C LEU E 119 -1.54 17.61 51.31
N PRO E 120 -1.42 18.81 51.87
CA PRO E 120 -2.48 19.81 51.74
C PRO E 120 -2.77 20.23 50.30
N LEU E 121 -1.82 20.14 49.38
CA LEU E 121 -2.05 20.59 48.01
C LEU E 121 -2.22 19.43 47.02
N LEU E 122 -2.52 18.22 47.50
CA LEU E 122 -2.89 17.12 46.61
C LEU E 122 -4.11 17.49 45.79
N SER E 123 -4.00 17.44 44.47
CA SER E 123 -5.11 17.77 43.59
C SER E 123 -6.25 16.75 43.71
N LYS E 124 -7.48 17.20 43.42
CA LYS E 124 -8.59 16.25 43.25
C LYS E 124 -8.24 15.20 42.19
N LYS E 125 -7.70 15.65 41.07
CA LYS E 125 -7.39 14.78 39.94
C LYS E 125 -6.44 13.66 40.32
N LEU E 126 -5.35 13.96 41.04
CA LEU E 126 -4.46 12.89 41.46
C LEU E 126 -5.15 11.93 42.40
N ILE E 127 -5.97 12.43 43.32
CA ILE E 127 -6.65 11.52 44.23
C ILE E 127 -7.55 10.57 43.45
N LEU E 128 -8.32 11.12 42.50
CA LEU E 128 -9.20 10.29 41.69
C LEU E 128 -8.43 9.27 40.88
N GLN E 129 -7.30 9.68 40.30
CA GLN E 129 -6.52 8.75 39.50
C GLN E 129 -5.88 7.67 40.34
N MSE E 130 -5.68 7.91 41.63
CA MSE E 130 -5.08 6.89 42.43
C MSE E 130 -6.13 5.86 42.88
O MSE E 130 -5.85 4.67 42.94
CB MSE E 130 -4.34 7.50 43.62
CG MSE E 130 -3.02 8.17 43.26
SE MSE E 130 -2.17 8.96 44.83
CE MSE E 130 -1.74 7.31 45.69
N CYS E 131 -7.34 6.31 43.15
CA CYS E 131 -8.40 5.35 43.43
C CYS E 131 -8.67 4.46 42.22
N LYS E 132 -8.75 5.08 41.03
CA LYS E 132 -9.03 4.29 39.83
C LYS E 132 -7.91 3.31 39.55
N HIS E 133 -6.66 3.73 39.72
CA HIS E 133 -5.54 2.82 39.48
C HIS E 133 -5.63 1.60 40.39
N PHE E 134 -5.86 1.81 41.68
CA PHE E 134 -6.07 0.69 42.57
C PHE E 134 -7.24 -0.19 42.09
N LEU E 135 -8.40 0.42 41.83
CA LEU E 135 -9.56 -0.41 41.50
C LEU E 135 -9.36 -1.20 40.20
N ASN E 136 -8.60 -0.66 39.26
CA ASN E 136 -8.29 -1.38 38.02
C ASN E 136 -7.34 -2.55 38.26
N THR E 137 -6.47 -2.44 39.24
CA THR E 137 -5.36 -3.35 39.42
C THR E 137 -5.63 -4.44 40.44
N THR E 138 -6.59 -4.26 41.33
CA THR E 138 -6.80 -5.23 42.40
C THR E 138 -7.75 -6.31 41.93
N HIS E 139 -7.54 -7.51 42.45
CA HIS E 139 -8.49 -8.61 42.31
C HIS E 139 -9.08 -8.99 43.65
N ILE E 140 -8.47 -8.55 44.75
CA ILE E 140 -8.86 -8.99 46.08
C ILE E 140 -10.29 -8.56 46.36
N GLY E 141 -11.10 -9.51 46.81
CA GLY E 141 -12.51 -9.32 47.04
C GLY E 141 -13.34 -10.04 45.99
N ASN E 142 -14.66 -9.85 46.11
CA ASN E 142 -15.59 -10.27 45.07
C ASN E 142 -16.07 -9.10 44.20
N LEU E 143 -15.34 -7.98 44.20
CA LEU E 143 -15.76 -6.81 43.44
C LEU E 143 -15.75 -7.12 41.95
N ILE E 144 -16.86 -6.82 41.29
CA ILE E 144 -17.01 -7.11 39.86
C ILE E 144 -17.14 -5.85 39.00
N ASP E 145 -17.52 -4.70 39.56
CA ASP E 145 -17.63 -3.46 38.80
C ASP E 145 -17.65 -2.28 39.77
N TRP E 146 -17.23 -1.11 39.28
CA TRP E 146 -17.12 0.10 40.10
C TRP E 146 -17.15 1.33 39.22
N TRP E 147 -17.52 2.47 39.82
CA TRP E 147 -17.51 3.74 39.11
C TRP E 147 -17.19 4.90 40.07
N VAL E 148 -16.42 5.87 39.59
CA VAL E 148 -15.97 7.01 40.39
C VAL E 148 -16.71 8.26 39.94
N ASP E 149 -17.43 8.89 40.86
CA ASP E 149 -18.25 10.06 40.54
C ASP E 149 -17.79 11.27 41.32
N PRO E 150 -17.04 12.18 40.70
CA PRO E 150 -16.80 13.50 41.31
C PRO E 150 -18.10 14.29 41.37
N THR E 151 -18.43 14.82 42.54
CA THR E 151 -19.71 15.49 42.74
C THR E 151 -19.55 16.94 43.19
N SER E 152 -18.80 17.19 44.27
CA SER E 152 -18.49 18.53 44.75
C SER E 152 -17.06 18.90 44.36
N GLU E 153 -16.69 20.14 44.69
CA GLU E 153 -15.27 20.46 44.83
C GLU E 153 -14.73 19.88 46.13
N GLU E 154 -15.61 19.45 47.04
CA GLU E 154 -15.22 18.90 48.33
C GLU E 154 -15.34 17.38 48.41
N ARG E 155 -16.14 16.74 47.55
CA ARG E 155 -16.46 15.33 47.73
C ARG E 155 -16.42 14.59 46.41
N TYR E 156 -16.31 13.25 46.49
CA TYR E 156 -16.58 12.34 45.39
C TYR E 156 -17.21 11.07 45.94
N LYS E 157 -17.87 10.32 45.06
CA LYS E 157 -18.45 9.04 45.40
C LYS E 157 -17.82 7.91 44.60
N VAL E 158 -17.88 6.70 45.17
CA VAL E 158 -17.48 5.49 44.45
C VAL E 158 -18.56 4.47 44.68
N PHE E 159 -19.07 3.89 43.59
CA PHE E 159 -20.04 2.81 43.63
C PHE E 159 -19.37 1.47 43.36
N PHE E 160 -19.88 0.44 44.03
CA PHE E 160 -19.34 -0.90 43.94
C PHE E 160 -20.45 -1.88 43.55
N THR E 161 -20.05 -2.93 42.86
CA THR E 161 -20.94 -4.02 42.47
C THR E 161 -20.19 -5.33 42.64
N TYR E 162 -20.78 -6.26 43.38
CA TYR E 162 -20.08 -7.47 43.79
C TYR E 162 -20.70 -8.70 43.13
N SER E 163 -19.86 -9.71 42.92
CA SER E 163 -20.32 -11.01 42.41
C SER E 163 -20.95 -11.79 43.55
N LYS E 164 -22.21 -11.50 43.81
CA LYS E 164 -22.93 -12.22 44.85
C LYS E 164 -23.82 -13.29 44.24
N LEU F 5 23.97 -8.46 18.76
CA LEU F 5 23.16 -8.68 19.95
C LEU F 5 23.99 -9.34 21.06
N SER F 6 25.32 -9.40 20.86
CA SER F 6 26.28 -9.81 21.89
C SER F 6 26.59 -8.64 22.84
N PRO F 7 26.95 -8.94 24.10
CA PRO F 7 27.19 -7.84 25.06
C PRO F 7 28.29 -6.90 24.62
N LYS F 8 29.47 -7.42 24.27
CA LYS F 8 30.52 -6.56 23.72
C LYS F 8 30.04 -5.85 22.47
N GLN F 9 29.20 -6.50 21.66
CA GLN F 9 28.76 -5.89 20.42
C GLN F 9 27.73 -4.79 20.68
N MSE F 10 26.84 -5.00 21.63
CA MSE F 10 25.86 -3.99 21.95
C MSE F 10 26.58 -2.76 22.53
O MSE F 10 26.22 -1.63 22.24
CB MSE F 10 24.82 -4.52 22.95
CG MSE F 10 23.72 -3.52 23.24
SE MSE F 10 22.73 -2.97 21.63
CE MSE F 10 21.50 -4.49 21.50
N LYS F 11 27.61 -2.99 23.33
CA LYS F 11 28.38 -1.88 23.85
C LYS F 11 29.07 -1.10 22.74
N ARG F 12 29.75 -1.79 21.81
CA ARG F 12 30.36 -1.10 20.68
C ARG F 12 29.33 -0.27 19.92
N GLU F 13 28.13 -0.80 19.75
CA GLU F 13 27.06 -0.07 19.07
C GLU F 13 26.68 1.21 19.80
N ILE F 14 26.45 1.14 21.12
CA ILE F 14 26.07 2.33 21.89
C ILE F 14 27.18 3.39 21.82
N LEU F 15 28.42 2.95 22.00
CA LEU F 15 29.57 3.85 21.95
C LEU F 15 29.71 4.52 20.59
N GLY F 16 29.42 3.77 19.52
CA GLY F 16 29.40 4.38 18.19
C GLY F 16 28.41 5.51 18.09
N VAL F 17 27.16 5.26 18.52
CA VAL F 17 26.12 6.29 18.49
C VAL F 17 26.51 7.47 19.38
N LEU F 18 27.06 7.21 20.56
CA LEU F 18 27.56 8.30 21.39
C LEU F 18 28.61 9.11 20.66
N ILE F 19 29.59 8.44 20.05
CA ILE F 19 30.65 9.17 19.36
C ILE F 19 30.07 10.03 18.24
N GLU F 20 29.18 9.46 17.43
CA GLU F 20 28.66 10.26 16.34
C GLU F 20 27.80 11.40 16.85
N LYS F 21 27.03 11.20 17.92
CA LYS F 21 26.30 12.34 18.47
C LYS F 21 27.23 13.40 19.04
N SER F 22 28.31 13.01 19.72
CA SER F 22 29.15 14.03 20.34
C SER F 22 29.86 14.92 19.32
N MSE F 23 29.94 14.49 18.07
CA MSE F 23 30.55 15.33 17.05
C MSE F 23 29.52 16.34 16.51
O MSE F 23 29.89 17.36 15.93
CB MSE F 23 31.17 14.47 15.92
CG MSE F 23 32.51 13.79 16.23
SE MSE F 23 33.64 14.70 17.59
CE MSE F 23 33.38 13.46 19.02
N GLU F 24 28.23 16.04 16.69
CA GLU F 24 27.16 16.97 16.33
C GLU F 24 26.95 18.00 17.43
N SER F 25 26.65 17.53 18.64
CA SER F 25 26.43 18.35 19.81
C SER F 25 27.17 17.71 20.98
N LYS F 26 27.53 18.51 21.97
CA LYS F 26 28.24 17.96 23.14
C LYS F 26 27.31 17.46 24.23
N VAL F 27 26.01 17.68 24.10
CA VAL F 27 25.01 17.23 25.06
C VAL F 27 23.84 16.68 24.28
N CYS F 28 23.23 15.59 24.80
CA CYS F 28 21.98 15.07 24.28
C CYS F 28 21.14 14.56 25.45
N LYS F 29 19.91 14.14 25.17
CA LYS F 29 19.03 13.59 26.21
C LYS F 29 19.22 12.08 26.34
N ILE F 30 19.05 11.55 27.56
CA ILE F 30 19.39 10.15 27.84
C ILE F 30 18.69 9.22 26.89
N TYR F 31 17.46 9.56 26.47
CA TYR F 31 16.74 8.64 25.61
C TYR F 31 17.20 8.71 24.15
N GLU F 32 17.81 9.80 23.72
CA GLU F 32 18.10 9.99 22.30
C GLU F 32 19.02 8.92 21.72
N PRO F 33 20.12 8.53 22.37
CA PRO F 33 20.91 7.41 21.82
C PRO F 33 20.11 6.12 21.75
N LEU F 34 19.43 5.78 22.86
CA LEU F 34 18.67 4.55 22.97
C LEU F 34 17.60 4.45 21.90
N LEU F 35 17.13 5.59 21.39
CA LEU F 35 16.05 5.60 20.42
C LEU F 35 16.56 5.41 18.99
N SER F 36 17.68 6.04 18.62
CA SER F 36 18.28 5.81 17.31
C SER F 36 19.11 4.52 17.23
N ILE F 37 18.64 3.46 17.90
CA ILE F 37 19.27 2.15 17.87
C ILE F 37 18.18 1.10 17.71
N ASN F 38 17.14 1.19 18.55
CA ASN F 38 16.02 0.26 18.47
C ASN F 38 15.17 0.53 17.23
N LEU F 39 15.07 1.79 16.81
CA LEU F 39 14.31 2.14 15.61
C LEU F 39 15.11 1.88 14.34
N GLY F 40 16.43 2.08 14.38
CA GLY F 40 17.25 1.88 13.20
C GLY F 40 18.33 0.84 13.39
N VAL F 53 15.49 -5.18 20.98
CA VAL F 53 16.90 -5.21 20.59
C VAL F 53 17.76 -4.98 21.84
N LEU F 54 17.53 -3.84 22.49
CA LEU F 54 18.36 -3.35 23.60
C LEU F 54 17.48 -3.01 24.79
N HIS F 55 17.77 -3.60 25.95
CA HIS F 55 16.91 -3.52 27.11
C HIS F 55 17.32 -2.41 28.07
N LEU F 56 16.32 -1.88 28.78
CA LEU F 56 16.52 -0.70 29.61
C LEU F 56 17.71 -0.84 30.56
N LYS F 57 17.78 -1.96 31.25
CA LYS F 57 18.74 -2.06 32.36
C LYS F 57 20.17 -2.14 31.84
N PHE F 58 20.38 -2.90 30.76
CA PHE F 58 21.70 -2.97 30.12
C PHE F 58 22.19 -1.59 29.71
N TYR F 59 21.27 -0.75 29.22
CA TYR F 59 21.64 0.56 28.70
C TYR F 59 22.03 1.51 29.82
N GLU F 60 21.33 1.47 30.95
CA GLU F 60 21.69 2.33 32.07
C GLU F 60 22.98 1.88 32.73
N THR F 61 23.16 0.56 32.86
CA THR F 61 24.43 0.05 33.36
C THR F 61 25.59 0.52 32.48
N PHE F 62 25.43 0.52 31.16
CA PHE F 62 26.55 0.88 30.31
C PHE F 62 26.84 2.39 30.35
N LEU F 63 25.78 3.22 30.34
CA LEU F 63 25.99 4.65 30.53
C LEU F 63 26.73 4.92 31.83
N ALA F 64 26.35 4.22 32.91
CA ALA F 64 27.04 4.39 34.19
C ALA F 64 28.48 3.90 34.10
N GLN F 65 28.69 2.73 33.51
CA GLN F 65 30.02 2.23 33.23
C GLN F 65 30.89 3.31 32.57
N LEU F 66 30.38 3.98 31.54
CA LEU F 66 31.14 5.04 30.89
C LEU F 66 31.30 6.26 31.81
N ALA F 67 30.26 6.61 32.56
CA ALA F 67 30.36 7.76 33.46
C ALA F 67 31.43 7.55 34.52
N GLU F 68 31.70 6.30 34.88
CA GLU F 68 32.73 6.01 35.87
C GLU F 68 34.15 6.18 35.35
N MSE F 69 34.33 6.31 34.04
CA MSE F 69 35.63 6.68 33.50
C MSE F 69 35.65 8.15 33.13
O MSE F 69 36.65 8.67 32.67
CB MSE F 69 35.98 5.83 32.30
CG MSE F 69 36.10 4.36 32.62
SE MSE F 69 36.32 3.30 30.99
CE MSE F 69 34.73 3.88 30.03
N ALA F 70 34.52 8.82 33.29
CA ALA F 70 34.37 10.24 32.98
C ALA F 70 34.53 10.54 31.49
N ILE F 71 34.33 9.55 30.61
CA ILE F 71 34.25 9.86 29.19
C ILE F 71 32.93 10.56 28.89
N ILE F 72 31.91 10.37 29.74
CA ILE F 72 30.69 11.17 29.77
C ILE F 72 30.36 11.44 31.23
N THR F 73 29.57 12.48 31.45
CA THR F 73 28.93 12.68 32.72
C THR F 73 27.41 12.67 32.50
N LEU F 74 26.69 12.23 33.52
CA LEU F 74 25.25 12.17 33.51
C LEU F 74 24.69 13.30 34.37
N ASP F 75 23.91 14.17 33.75
CA ASP F 75 23.07 15.09 34.51
C ASP F 75 21.70 14.45 34.63
N SER F 76 20.69 15.22 34.99
CA SER F 76 19.44 14.58 35.37
C SER F 76 18.82 13.85 34.19
N PHE F 77 18.67 14.53 33.06
CA PHE F 77 18.12 13.92 31.87
C PHE F 77 19.03 14.07 30.66
N THR F 78 20.24 14.59 30.83
CA THR F 78 21.13 14.86 29.71
C THR F 78 22.45 14.14 29.90
N ILE F 79 22.98 13.64 28.80
CA ILE F 79 24.31 13.07 28.73
C ILE F 79 25.27 14.17 28.29
N ASN F 80 26.24 14.49 29.13
CA ASN F 80 27.26 15.46 28.76
C ASN F 80 28.41 14.71 28.10
N MSE F 81 28.62 14.98 26.83
CA MSE F 81 29.61 14.23 26.08
C MSE F 81 30.81 15.11 25.73
O MSE F 81 31.53 14.82 24.79
CB MSE F 81 29.00 13.65 24.81
CG MSE F 81 27.50 13.55 24.83
SE MSE F 81 26.87 12.34 23.42
CE MSE F 81 27.80 10.83 24.15
N THR F 82 31.02 16.17 26.52
CA THR F 82 32.17 17.03 26.28
C THR F 82 33.47 16.22 26.23
N ASN F 83 33.77 15.48 27.29
CA ASN F 83 35.00 14.69 27.30
C ASN F 83 35.10 13.75 26.10
N LEU F 84 33.99 13.09 25.75
CA LEU F 84 34.03 12.17 24.62
C LEU F 84 34.29 12.91 23.32
N HIS F 85 33.69 14.09 23.16
CA HIS F 85 33.96 14.92 22.00
C HIS F 85 35.44 15.30 21.90
N ASN F 86 36.05 15.80 22.99
CA ASN F 86 37.44 16.21 22.91
C ASN F 86 38.35 15.02 22.67
N CYS F 87 38.02 13.91 23.30
CA CYS F 87 38.81 12.70 23.14
C CYS F 87 38.84 12.25 21.68
N TYR F 88 37.67 12.17 21.05
CA TYR F 88 37.59 11.70 19.67
C TYR F 88 38.25 12.69 18.70
N ARG F 89 38.04 13.99 18.91
CA ARG F 89 38.82 15.02 18.24
C ARG F 89 40.30 14.67 18.21
N TYR F 90 40.87 14.43 19.39
CA TYR F 90 42.27 14.06 19.50
C TYR F 90 42.59 12.87 18.59
N ILE F 91 41.74 11.84 18.65
CA ILE F 91 41.93 10.65 17.83
C ILE F 91 41.81 10.99 16.34
N ILE F 92 40.86 11.84 15.97
CA ILE F 92 40.73 12.27 14.57
C ILE F 92 42.00 12.96 14.08
N THR F 93 42.50 13.90 14.87
CA THR F 93 43.66 14.66 14.46
C THR F 93 44.90 13.75 14.33
N ARG F 94 45.13 12.88 15.31
CA ARG F 94 46.31 12.03 15.24
C ARG F 94 46.24 11.06 14.06
N PHE F 95 45.10 10.40 13.85
CA PHE F 95 45.00 9.38 12.82
C PHE F 95 44.84 9.94 11.40
N GLN F 96 44.06 11.02 11.24
CA GLN F 96 44.01 11.66 9.94
C GLN F 96 45.40 12.14 9.50
N SER F 97 46.22 12.59 10.44
CA SER F 97 47.54 13.09 10.08
C SER F 97 48.47 11.96 9.64
N LEU F 98 48.39 10.80 10.31
CA LEU F 98 49.16 9.63 9.86
C LEU F 98 48.69 9.14 8.48
N ILE F 99 47.38 8.99 8.31
CA ILE F 99 46.84 8.49 7.05
C ILE F 99 47.24 9.40 5.88
N ASN F 100 47.09 10.72 6.06
CA ASN F 100 47.25 11.68 4.96
C ASN F 100 48.67 11.65 4.40
N VAL F 101 49.61 11.21 5.21
CA VAL F 101 51.01 11.13 4.86
C VAL F 101 51.48 9.68 4.70
N GLN F 102 50.56 8.73 4.87
CA GLN F 102 50.78 7.30 4.66
C GLN F 102 51.90 6.76 5.53
N ILE F 103 51.88 7.10 6.82
CA ILE F 103 52.72 6.36 7.76
C ILE F 103 52.23 4.92 7.82
N PRO F 104 53.10 3.92 7.85
CA PRO F 104 52.64 2.53 7.80
C PRO F 104 52.23 1.95 9.15
N GLN F 105 52.79 2.44 10.24
CA GLN F 105 52.46 1.91 11.55
C GLN F 105 52.85 2.92 12.61
N ILE F 106 52.19 2.83 13.76
CA ILE F 106 52.50 3.70 14.88
C ILE F 106 52.35 2.92 16.17
N THR F 107 53.20 3.26 17.14
CA THR F 107 53.09 2.73 18.49
C THR F 107 52.64 3.85 19.42
N ILE F 108 51.62 3.56 20.22
CA ILE F 108 50.96 4.57 21.06
C ILE F 108 50.93 4.07 22.49
N LYS F 109 51.34 4.91 23.42
CA LYS F 109 51.03 4.66 24.83
C LYS F 109 49.62 5.13 25.11
N TYR F 110 48.81 4.27 25.73
CA TYR F 110 47.53 4.68 26.30
C TYR F 110 47.65 5.92 27.17
N SER F 111 48.79 6.13 27.81
CA SER F 111 48.92 7.30 28.68
C SER F 111 48.99 8.60 27.89
N GLU F 112 49.38 8.54 26.60
CA GLU F 112 49.39 9.76 25.80
C GLU F 112 48.00 10.36 25.72
N ILE F 113 46.99 9.54 25.45
CA ILE F 113 45.64 10.04 25.33
C ILE F 113 45.13 10.50 26.69
N ARG F 114 45.35 9.69 27.72
CA ARG F 114 44.91 10.04 29.07
C ARG F 114 45.57 11.33 29.55
N ASN F 115 46.90 11.49 29.37
CA ASN F 115 47.54 12.71 29.86
C ASN F 115 47.09 13.93 29.10
N PHE F 116 47.01 13.84 27.78
CA PHE F 116 46.68 15.02 26.99
C PHE F 116 45.25 15.45 27.23
N CYS F 117 44.31 14.51 27.21
CA CYS F 117 42.93 14.92 27.40
C CYS F 117 42.59 15.11 28.86
N LYS F 118 43.54 14.86 29.77
CA LYS F 118 43.32 14.97 31.21
C LYS F 118 42.17 14.06 31.64
N LEU F 119 42.30 12.80 31.27
CA LEU F 119 41.28 11.80 31.55
C LEU F 119 42.02 10.56 32.02
N PRO F 120 42.37 10.50 33.30
CA PRO F 120 43.23 9.41 33.78
C PRO F 120 42.53 8.07 33.78
N LEU F 121 41.20 8.05 33.78
CA LEU F 121 40.47 6.82 34.02
C LEU F 121 40.18 6.02 32.75
N LEU F 122 40.56 6.48 31.56
CA LEU F 122 40.08 5.83 30.35
C LEU F 122 40.66 4.43 30.21
N SER F 123 39.80 3.44 30.04
CA SER F 123 40.26 2.07 29.87
C SER F 123 40.98 1.88 28.53
N LYS F 124 41.80 0.83 28.48
CA LYS F 124 42.38 0.41 27.21
C LYS F 124 41.30 0.04 26.20
N LYS F 125 40.25 -0.65 26.67
CA LYS F 125 39.16 -1.09 25.80
C LYS F 125 38.48 0.09 25.14
N LEU F 126 38.09 1.09 25.95
CA LEU F 126 37.50 2.32 25.45
C LEU F 126 38.41 3.01 24.43
N ILE F 127 39.69 3.21 24.77
CA ILE F 127 40.56 3.91 23.83
C ILE F 127 40.63 3.14 22.51
N LEU F 128 40.76 1.80 22.58
CA LEU F 128 40.88 1.02 21.36
C LEU F 128 39.60 1.07 20.55
N GLN F 129 38.45 0.96 21.21
CA GLN F 129 37.18 1.00 20.48
C GLN F 129 37.01 2.35 19.79
N MSE F 130 37.45 3.42 20.42
CA MSE F 130 37.31 4.70 19.78
C MSE F 130 38.20 4.78 18.54
O MSE F 130 37.79 5.37 17.53
CB MSE F 130 37.65 5.81 20.77
CG MSE F 130 36.62 5.98 21.86
SE MSE F 130 37.03 7.47 23.06
CE MSE F 130 36.75 8.96 21.83
N CYS F 131 39.40 4.19 18.60
CA CYS F 131 40.25 4.10 17.41
C CYS F 131 39.64 3.22 16.33
N LYS F 132 39.08 2.06 16.72
CA LYS F 132 38.47 1.20 15.71
C LYS F 132 37.28 1.90 15.07
N HIS F 133 36.53 2.67 15.86
CA HIS F 133 35.40 3.40 15.31
C HIS F 133 35.85 4.42 14.28
N PHE F 134 36.91 5.17 14.58
CA PHE F 134 37.40 6.14 13.59
C PHE F 134 37.84 5.44 12.31
N LEU F 135 38.60 4.35 12.45
CA LEU F 135 39.13 3.69 11.25
C LEU F 135 38.03 3.01 10.44
N ASN F 136 36.98 2.52 11.09
CA ASN F 136 35.88 1.89 10.36
C ASN F 136 35.03 2.89 9.60
N THR F 137 35.16 4.17 9.92
CA THR F 137 34.20 5.20 9.59
C THR F 137 34.78 6.30 8.71
N THR F 138 36.09 6.45 8.69
CA THR F 138 36.71 7.54 7.97
C THR F 138 36.75 7.27 6.48
N HIS F 139 36.72 8.36 5.70
CA HIS F 139 36.85 8.30 4.25
C HIS F 139 38.10 8.96 3.75
N ILE F 140 38.59 9.96 4.48
CA ILE F 140 39.68 10.80 3.99
C ILE F 140 40.95 9.96 3.93
N GLY F 141 41.46 9.76 2.71
CA GLY F 141 42.74 9.15 2.45
C GLY F 141 42.66 8.00 1.45
N ASN F 142 43.74 7.22 1.43
CA ASN F 142 43.88 6.06 0.56
C ASN F 142 43.97 4.77 1.36
N LEU F 143 43.40 4.78 2.56
CA LEU F 143 43.48 3.67 3.49
C LEU F 143 42.54 2.56 3.06
N ILE F 144 43.07 1.38 2.77
CA ILE F 144 42.26 0.25 2.34
C ILE F 144 42.22 -0.87 3.38
N ASP F 145 43.03 -0.81 4.43
CA ASP F 145 43.02 -1.80 5.51
C ASP F 145 43.86 -1.27 6.67
N TRP F 146 43.72 -1.92 7.82
CA TRP F 146 44.33 -1.43 9.06
C TRP F 146 44.22 -2.50 10.13
N TRP F 147 45.02 -2.35 11.17
CA TRP F 147 45.02 -3.34 12.25
C TRP F 147 45.36 -2.65 13.56
N VAL F 148 44.46 -2.78 14.54
CA VAL F 148 44.69 -2.29 15.89
C VAL F 148 45.22 -3.45 16.71
N ASP F 149 46.41 -3.29 17.29
CA ASP F 149 47.18 -4.39 17.86
C ASP F 149 47.70 -4.04 19.24
N PRO F 150 47.02 -4.50 20.31
CA PRO F 150 47.55 -4.31 21.67
C PRO F 150 48.76 -5.19 21.91
N THR F 151 49.88 -4.58 22.29
CA THR F 151 51.11 -5.34 22.49
C THR F 151 51.56 -5.43 23.93
N SER F 152 51.20 -4.47 24.79
CA SER F 152 51.55 -4.51 26.20
C SER F 152 50.46 -3.83 27.00
N GLU F 153 50.59 -3.89 28.33
CA GLU F 153 49.65 -3.21 29.19
C GLU F 153 49.95 -1.72 29.30
N GLU F 154 50.75 -1.23 28.36
CA GLU F 154 51.08 0.19 28.22
C GLU F 154 50.97 0.70 26.80
N ARG F 155 51.11 -0.14 25.79
CA ARG F 155 51.22 0.30 24.40
C ARG F 155 50.25 -0.47 23.53
N TYR F 156 49.91 0.14 22.41
CA TYR F 156 49.33 -0.61 21.32
C TYR F 156 49.90 -0.09 20.02
N LYS F 157 49.62 -0.82 18.96
CA LYS F 157 50.12 -0.46 17.66
C LYS F 157 48.93 -0.42 16.73
N VAL F 158 49.07 0.38 15.69
CA VAL F 158 48.12 0.39 14.60
C VAL F 158 48.90 0.29 13.32
N PHE F 159 48.44 -0.56 12.42
CA PHE F 159 49.06 -0.77 11.13
C PHE F 159 48.10 -0.35 10.04
N PHE F 160 48.61 0.34 9.03
CA PHE F 160 47.79 0.93 7.99
C PHE F 160 48.20 0.37 6.63
N THR F 161 47.21 0.16 5.75
CA THR F 161 47.54 -0.25 4.38
C THR F 161 46.82 0.65 3.38
N TYR F 162 47.58 1.14 2.40
CA TYR F 162 47.12 2.13 1.45
C TYR F 162 47.08 1.58 0.03
N SER F 163 46.11 2.04 -0.75
CA SER F 163 46.08 1.76 -2.17
C SER F 163 47.20 2.51 -2.89
N LYS F 164 47.91 1.82 -3.78
CA LYS F 164 48.98 2.42 -4.58
C LYS F 164 48.91 1.96 -6.02
#